data_7Z0N
#
_entry.id   7Z0N
#
_cell.length_a   62.788
_cell.length_b   89.607
_cell.length_c   77.550
_cell.angle_alpha   90.000
_cell.angle_beta   102.908
_cell.angle_gamma   90.000
#
_symmetry.space_group_name_H-M   'P 1 21 1'
#
loop_
_entity.id
_entity.type
_entity.pdbx_description
1 polymer 'Isoform 2 of Ectonucleotide pyrophosphatase/phosphodiesterase family member 2'
2 branched alpha-D-mannopyranose-(1-2)-alpha-D-mannopyranose-(1-3)-[alpha-D-mannopyranose-(1-6)]alpha-D-mannopyranose-(1-6)-beta-D-mannopyranose-(1-4)-2-acetamido-2-deoxy-beta-D-glucopyranose-(1-4)-2-acetamido-2-deoxy-beta-D-glucopyranose
3 non-polymer alpha-D-mannopyranose
4 non-polymer 'ZINC ION'
5 non-polymer 'CALCIUM ION'
6 non-polymer 'IODIDE ION'
7 non-polymer 'THIOCYANATE ION'
8 non-polymer 'SODIUM ION'
9 non-polymer GLYCEROL
10 non-polymer [4-[1-[(4~{R})-4-[(3~{R},5~{S},7~{S},8~{R},9~{S},10~{S},13~{R},14~{S},17~{R})-10,13-dimethyl-3,7-bis(oxidanyl)-2,3,4,5,6,7,8,9,11,12,14,15,16,17-tetradecahydro-1~{H}-cyclopenta[a]phenanthren-17-yl]pentanoyl]piperidin-4-yl]oxyphenyl]-bis(oxidanyl)-$l^{4}-borane
11 water water
#
_entity_poly.entity_id   1
_entity_poly.type   'polypeptide(L)'
_entity_poly.pdbx_seq_one_letter_code
;GSCKGRCFELQEVGPPDCRCDNLCKSYSSCCHDFDELCLKTARGWECTKDRCGEVRNEENACHCSEDCLSRGDCCTNYQV
VCKGESHWVDDDCEEIKVPECPAGFVRPPLIIFSVDGFRASYMKKGSKVMPNIEKLRSCGTHAPYMRPVYPTKTFPNLYT
LATGLYPESHGIVGNSMYDPVFDASFHLRGREKFNHRWWGGQPLWITATKQGVRAGTFFWSVSIPHERRILTILQWLSLP
DNERPSVYAFYSEQPDFSGHKYGPFGPEMTNPLREIDKTVGQLMDGLKQLRLHRCVNVIFVGDHGMEDVTCDRTEFLSNY
LTNVDDITLVPGTLGRIRAKSINNSKYDPKTIIAALTCKKPDQHFKPYMKQHLPKRLHYANNRRIEDIHLLVDRRWHVAR
KPLDVYKKPSGKCFFQGDHGFDNKVNSMQTVFVGYGPTFKYRTKVPPFENIELYNVMCDLLGLKPAPNNGTHGSLNHLLR
TNTFRPTMPDEVSRPNYPGIMYLQSEFDLGCTCDDKVEPKNKLEDLNKRLHTKGSTKERHLLYGRPAVLYRTSYDILYHT
DFESGYSEIFLMPLWTSYTISKQAEVSSIPEHLTNCVRPDVRVSPGFSQNCLAYKNDKQMSYGFLFPPYLSSSPEAKYDA
FLVTNMVPMYPAFKRVWAYFQRVLVKKYASERNGVNVISGPIFDYNYDGLRDTEDEIKQYVEGSSIPVPTHYYSIITSCL
DFTQPADKCDGPLSVSSFILPHRPDNDESCASSEDESKWVEELMKMHTARVRDIEHLTGLDFYRKTSRSYSEILTLKTYL
HTYES
;
_entity_poly.pdbx_strand_id   AAA
#
loop_
_chem_comp.id
_chem_comp.type
_chem_comp.name
_chem_comp.formula
BMA D-saccharide, beta linking beta-D-mannopyranose 'C6 H12 O6'
CA non-polymer 'CALCIUM ION' 'Ca 2'
GOL non-polymer GLYCEROL 'C3 H8 O3'
I8K non-polymer [4-[1-[(4~{R})-4-[(3~{R},5~{S},7~{S},8~{R},9~{S},10~{S},13~{R},14~{S},17~{R})-10,13-dimethyl-3,7-bis(oxidanyl)-2,3,4,5,6,7,8,9,11,12,14,15,16,17-tetradecahydro-1~{H}-cyclopenta[a]phenanthren-17-yl]pentanoyl]piperidin-4-yl]oxyphenyl]-bis(oxidanyl)-$l^{4}-borane 'C35 H55 B N O6'
IOD non-polymer 'IODIDE ION' 'I -1'
MAN D-saccharide, alpha linking alpha-D-mannopyranose 'C6 H12 O6'
NA non-polymer 'SODIUM ION' 'Na 1'
NAG D-saccharide, beta linking 2-acetamido-2-deoxy-beta-D-glucopyranose 'C8 H15 N O6'
SCN non-polymer 'THIOCYANATE ION' 'C N S -1'
ZN non-polymer 'ZINC ION' 'Zn 2'
#
# COMPACT_ATOMS: atom_id res chain seq x y z
N GLY A 1 -8.38 -19.20 -41.43
CA GLY A 1 -8.49 -20.68 -41.33
C GLY A 1 -9.62 -21.11 -40.38
N SER A 2 -9.47 -22.26 -39.74
CA SER A 2 -10.52 -22.87 -38.88
C SER A 2 -9.98 -23.02 -37.44
N CYS A 3 -10.88 -23.10 -36.47
CA CYS A 3 -10.53 -23.28 -35.04
C CYS A 3 -10.62 -24.77 -34.66
N LYS A 4 -10.54 -25.69 -35.63
CA LYS A 4 -10.58 -27.16 -35.38
C LYS A 4 -9.43 -27.52 -34.41
N GLY A 5 -9.80 -28.07 -33.25
CA GLY A 5 -8.88 -28.57 -32.20
C GLY A 5 -8.00 -27.48 -31.58
N ARG A 6 -8.22 -26.20 -31.90
CA ARG A 6 -7.32 -25.07 -31.52
C ARG A 6 -8.01 -24.14 -30.51
N CYS A 7 -9.15 -24.54 -29.96
CA CYS A 7 -9.99 -23.67 -29.10
C CYS A 7 -9.22 -23.26 -27.84
N PHE A 8 -9.05 -21.95 -27.62
CA PHE A 8 -8.39 -21.39 -26.42
C PHE A 8 -6.92 -21.84 -26.41
N GLU A 9 -6.33 -22.02 -27.60
CA GLU A 9 -4.88 -22.25 -27.82
C GLU A 9 -4.05 -21.30 -26.94
N LEU A 10 -2.97 -21.80 -26.32
CA LEU A 10 -2.15 -21.00 -25.36
C LEU A 10 -0.86 -20.48 -26.02
N GLN A 11 -0.67 -20.75 -27.31
CA GLN A 11 0.55 -20.34 -28.06
C GLN A 11 0.34 -18.93 -28.65
N GLU A 12 1.31 -18.44 -29.43
CA GLU A 12 1.25 -17.11 -30.08
C GLU A 12 1.02 -17.32 -31.59
N VAL A 13 0.17 -16.49 -32.21
CA VAL A 13 -0.17 -16.49 -33.66
C VAL A 13 -0.47 -15.05 -34.11
N GLY A 14 0.30 -14.56 -35.11
CA GLY A 14 0.22 -13.18 -35.64
C GLY A 14 -0.33 -13.14 -37.07
N PRO A 15 -0.62 -11.93 -37.61
CA PRO A 15 -1.22 -11.81 -38.94
C PRO A 15 -0.41 -12.50 -40.02
N PRO A 16 -1.04 -13.01 -41.10
CA PRO A 16 -2.49 -12.82 -41.34
C PRO A 16 -3.44 -13.84 -40.69
N ASP A 17 -2.94 -14.79 -39.88
CA ASP A 17 -3.70 -15.98 -39.43
C ASP A 17 -4.76 -15.60 -38.39
N CYS A 18 -6.00 -16.02 -38.60
CA CYS A 18 -7.11 -15.85 -37.62
C CYS A 18 -6.81 -16.66 -36.36
N ARG A 19 -7.30 -16.22 -35.20
CA ARG A 19 -6.90 -16.83 -33.90
C ARG A 19 -8.13 -17.40 -33.21
N CYS A 20 -7.90 -18.26 -32.21
CA CYS A 20 -8.96 -18.96 -31.44
C CYS A 20 -8.65 -18.85 -29.95
N ASP A 21 -7.88 -17.83 -29.56
CA ASP A 21 -7.43 -17.60 -28.17
C ASP A 21 -8.54 -16.88 -27.38
N ASN A 22 -8.30 -16.70 -26.09
CA ASN A 22 -9.23 -16.05 -25.12
C ASN A 22 -9.67 -14.65 -25.58
N LEU A 23 -8.79 -13.90 -26.26
CA LEU A 23 -9.01 -12.45 -26.55
C LEU A 23 -9.26 -12.22 -28.05
N CYS A 24 -9.44 -13.26 -28.87
CA CYS A 24 -9.59 -13.10 -30.34
C CYS A 24 -10.71 -12.06 -30.61
N LYS A 25 -11.77 -12.07 -29.79
CA LYS A 25 -12.95 -11.17 -29.93
C LYS A 25 -12.52 -9.73 -29.59
N SER A 26 -11.78 -9.54 -28.50
CA SER A 26 -11.31 -8.20 -28.06
C SER A 26 -10.51 -7.53 -29.19
N TYR A 27 -9.85 -8.32 -30.04
CA TYR A 27 -8.96 -7.87 -31.16
C TYR A 27 -9.60 -8.21 -32.52
N SER A 28 -10.86 -8.65 -32.49
CA SER A 28 -11.63 -8.95 -33.72
C SER A 28 -10.77 -9.72 -34.71
N SER A 29 -10.10 -10.78 -34.26
CA SER A 29 -9.19 -11.62 -35.10
C SER A 29 -9.63 -13.09 -35.07
N CYS A 30 -10.84 -13.38 -34.57
CA CYS A 30 -11.35 -14.77 -34.44
C CYS A 30 -11.56 -15.39 -35.82
N CYS A 31 -11.22 -16.67 -36.00
CA CYS A 31 -11.61 -17.44 -37.22
C CYS A 31 -13.14 -17.41 -37.31
N HIS A 32 -13.69 -17.58 -38.52
CA HIS A 32 -15.15 -17.58 -38.79
C HIS A 32 -15.86 -18.59 -37.86
N ASP A 33 -15.28 -19.77 -37.63
CA ASP A 33 -15.99 -20.89 -36.97
C ASP A 33 -15.72 -20.87 -35.46
N PHE A 34 -15.24 -19.74 -34.91
CA PHE A 34 -14.89 -19.64 -33.47
C PHE A 34 -16.17 -19.94 -32.65
N ASP A 35 -17.20 -19.08 -32.85
CA ASP A 35 -18.44 -19.10 -32.04
C ASP A 35 -18.98 -20.52 -32.02
N GLU A 36 -19.27 -21.04 -33.23
CA GLU A 36 -19.81 -22.40 -33.49
C GLU A 36 -19.07 -23.45 -32.64
N LEU A 37 -17.75 -23.57 -32.85
CA LEU A 37 -16.89 -24.66 -32.28
C LEU A 37 -16.45 -24.33 -30.84
N CYS A 38 -15.98 -23.12 -30.54
CA CYS A 38 -15.28 -22.82 -29.25
C CYS A 38 -16.26 -22.30 -28.18
N LEU A 39 -17.45 -21.85 -28.55
CA LEU A 39 -18.46 -21.29 -27.61
C LEU A 39 -19.77 -22.05 -27.75
N LYS A 40 -19.75 -23.36 -27.48
CA LYS A 40 -20.96 -24.21 -27.37
C LYS A 40 -21.66 -23.91 -26.05
N THR A 41 -23.00 -24.00 -26.05
CA THR A 41 -23.87 -23.77 -24.87
C THR A 41 -24.91 -24.90 -24.66
N ALA A 42 -25.02 -25.87 -25.58
CA ALA A 42 -25.99 -26.99 -25.54
C ALA A 42 -25.88 -27.75 -24.21
N ARG A 43 -27.02 -27.95 -23.51
CA ARG A 43 -27.17 -28.72 -22.24
C ARG A 43 -26.54 -27.96 -21.05
N GLY A 44 -26.18 -26.69 -21.20
CA GLY A 44 -25.67 -25.87 -20.09
C GLY A 44 -24.35 -26.38 -19.53
N TRP A 45 -24.17 -26.25 -18.21
CA TRP A 45 -22.85 -26.39 -17.53
C TRP A 45 -22.89 -27.41 -16.41
N GLU A 46 -23.94 -28.24 -16.34
CA GLU A 46 -24.12 -29.21 -15.25
C GLU A 46 -24.58 -30.54 -15.86
N CYS A 47 -23.90 -31.64 -15.53
CA CYS A 47 -24.41 -32.99 -15.85
C CYS A 47 -25.74 -33.18 -15.13
N THR A 48 -26.54 -34.10 -15.67
CA THR A 48 -27.76 -34.71 -15.07
C THR A 48 -27.68 -36.23 -15.17
N LYS A 49 -28.41 -36.96 -14.32
CA LYS A 49 -28.31 -38.43 -14.21
C LYS A 49 -28.57 -39.04 -15.60
N ASP A 50 -29.62 -38.59 -16.28
CA ASP A 50 -30.06 -39.15 -17.60
C ASP A 50 -28.98 -38.96 -18.68
N ARG A 51 -27.96 -38.14 -18.43
CA ARG A 51 -26.86 -37.86 -19.40
C ARG A 51 -25.66 -38.78 -19.10
N CYS A 52 -25.62 -39.34 -17.87
CA CYS A 52 -24.42 -40.03 -17.29
C CYS A 52 -24.08 -41.27 -18.13
N GLY A 53 -22.85 -41.34 -18.64
CA GLY A 53 -22.38 -42.39 -19.56
C GLY A 53 -23.06 -42.26 -20.91
N GLU A 54 -23.48 -41.05 -21.29
CA GLU A 54 -23.95 -40.72 -22.67
C GLU A 54 -22.81 -41.06 -23.62
N VAL A 55 -23.14 -41.28 -24.90
CA VAL A 55 -22.13 -41.32 -26.00
C VAL A 55 -21.86 -39.88 -26.41
N ARG A 56 -20.57 -39.55 -26.56
CA ARG A 56 -20.07 -38.18 -26.84
C ARG A 56 -20.92 -37.55 -27.94
N ASN A 57 -21.36 -36.31 -27.70
CA ASN A 57 -21.93 -35.38 -28.71
C ASN A 57 -21.07 -34.11 -28.68
N GLU A 58 -20.49 -33.72 -29.82
CA GLU A 58 -19.50 -32.63 -29.92
C GLU A 58 -20.19 -31.24 -29.89
N GLU A 59 -21.53 -31.22 -29.87
CA GLU A 59 -22.36 -29.99 -29.77
C GLU A 59 -22.48 -29.52 -28.33
N ASN A 60 -22.25 -30.40 -27.34
CA ASN A 60 -22.49 -30.14 -25.89
C ASN A 60 -21.49 -29.09 -25.35
N ALA A 61 -21.92 -28.23 -24.43
CA ALA A 61 -21.03 -27.24 -23.75
C ALA A 61 -19.94 -28.00 -22.98
N CYS A 62 -20.31 -29.09 -22.30
CA CYS A 62 -19.39 -30.00 -21.56
C CYS A 62 -19.96 -31.42 -21.54
N HIS A 63 -19.16 -32.43 -21.21
CA HIS A 63 -19.51 -33.87 -21.48
C HIS A 63 -19.78 -34.64 -20.18
N CYS A 64 -20.64 -35.66 -20.28
CA CYS A 64 -20.91 -36.67 -19.22
C CYS A 64 -20.70 -38.07 -19.82
N SER A 65 -19.79 -38.18 -20.77
CA SER A 65 -19.35 -39.44 -21.43
C SER A 65 -18.13 -40.02 -20.70
N GLU A 66 -18.03 -41.35 -20.65
CA GLU A 66 -16.92 -42.11 -19.99
C GLU A 66 -15.56 -41.59 -20.46
N ASP A 67 -15.46 -41.12 -21.70
CA ASP A 67 -14.19 -40.59 -22.30
C ASP A 67 -13.91 -39.15 -21.88
N CYS A 68 -14.75 -38.52 -21.03
CA CYS A 68 -14.63 -37.06 -20.74
C CYS A 68 -13.42 -36.79 -19.84
N LEU A 69 -13.22 -37.58 -18.77
CA LEU A 69 -12.06 -37.39 -17.84
C LEU A 69 -10.77 -37.59 -18.63
N SER A 70 -10.72 -38.63 -19.47
CA SER A 70 -9.63 -38.92 -20.43
C SER A 70 -9.35 -37.65 -21.26
N ARG A 71 -10.33 -37.20 -22.05
CA ARG A 71 -10.18 -36.02 -22.98
C ARG A 71 -10.13 -34.70 -22.18
N GLY A 72 -10.38 -34.73 -20.87
CA GLY A 72 -10.14 -33.59 -19.96
C GLY A 72 -11.12 -32.43 -20.18
N ASP A 73 -12.39 -32.75 -20.48
CA ASP A 73 -13.47 -31.75 -20.78
C ASP A 73 -14.85 -32.23 -20.27
N CYS A 74 -14.94 -32.78 -19.06
CA CYS A 74 -16.24 -33.07 -18.38
C CYS A 74 -16.84 -31.75 -17.88
N CYS A 75 -18.14 -31.74 -17.59
CA CYS A 75 -18.78 -30.74 -16.69
C CYS A 75 -18.17 -30.93 -15.30
N THR A 76 -18.14 -29.89 -14.48
CA THR A 76 -17.40 -29.88 -13.20
C THR A 76 -18.07 -30.86 -12.23
N ASN A 77 -19.38 -31.09 -12.34
CA ASN A 77 -20.18 -31.91 -11.39
C ASN A 77 -20.39 -33.35 -11.91
N TYR A 78 -19.75 -33.72 -13.03
CA TYR A 78 -19.88 -35.04 -13.70
C TYR A 78 -19.79 -36.16 -12.66
N GLN A 79 -18.68 -36.20 -11.91
CA GLN A 79 -18.37 -37.27 -10.93
C GLN A 79 -19.37 -37.24 -9.78
N VAL A 80 -19.85 -36.05 -9.41
CA VAL A 80 -20.80 -35.91 -8.27
C VAL A 80 -22.12 -36.54 -8.68
N VAL A 81 -22.59 -36.26 -9.90
CA VAL A 81 -23.89 -36.73 -10.46
C VAL A 81 -23.79 -38.21 -10.84
N CYS A 82 -22.72 -38.61 -11.53
CA CYS A 82 -22.59 -39.89 -12.28
C CYS A 82 -21.79 -40.96 -11.52
N LYS A 83 -20.66 -40.57 -10.90
CA LYS A 83 -19.78 -41.48 -10.12
C LYS A 83 -20.12 -41.41 -8.63
N GLY A 84 -21.26 -40.79 -8.27
CA GLY A 84 -21.71 -40.59 -6.87
C GLY A 84 -20.66 -39.95 -5.97
N GLU A 85 -19.77 -39.10 -6.49
CA GLU A 85 -18.72 -38.41 -5.68
C GLU A 85 -19.41 -37.34 -4.83
N SER A 86 -18.68 -36.76 -3.89
CA SER A 86 -19.11 -35.56 -3.13
C SER A 86 -18.60 -34.30 -3.84
N HIS A 87 -19.39 -33.23 -3.82
CA HIS A 87 -18.89 -31.84 -3.98
C HIS A 87 -17.72 -31.67 -3.01
N TRP A 88 -16.64 -31.04 -3.47
CA TRP A 88 -15.47 -30.59 -2.65
C TRP A 88 -15.93 -29.97 -1.32
N VAL A 89 -16.91 -29.07 -1.35
CA VAL A 89 -17.35 -28.28 -0.18
C VAL A 89 -17.97 -29.20 0.89
N ASP A 90 -18.45 -30.39 0.52
CA ASP A 90 -19.18 -31.27 1.47
C ASP A 90 -18.19 -32.17 2.20
N ASP A 91 -16.94 -32.20 1.74
CA ASP A 91 -15.83 -32.99 2.33
C ASP A 91 -15.29 -32.28 3.57
N ASP A 92 -15.05 -33.07 4.62
CA ASP A 92 -14.26 -32.68 5.81
C ASP A 92 -13.00 -31.93 5.39
N CYS A 93 -12.64 -30.92 6.16
CA CYS A 93 -11.40 -30.14 5.99
C CYS A 93 -10.22 -31.02 6.41
N GLU A 94 -9.18 -31.14 5.60
CA GLU A 94 -8.00 -31.99 5.93
C GLU A 94 -6.73 -31.27 5.55
N GLU A 95 -5.74 -31.27 6.46
CA GLU A 95 -4.47 -30.54 6.25
C GLU A 95 -3.78 -31.08 5.00
N ILE A 96 -3.20 -30.21 4.19
CA ILE A 96 -2.33 -30.59 3.05
C ILE A 96 -0.88 -30.38 3.51
N LYS A 97 -0.28 -31.41 4.10
CA LYS A 97 1.10 -31.40 4.67
C LYS A 97 2.11 -31.35 3.51
N VAL A 98 1.81 -31.97 2.37
CA VAL A 98 2.66 -31.96 1.15
C VAL A 98 1.74 -31.85 -0.05
N PRO A 99 2.21 -31.27 -1.18
CA PRO A 99 1.42 -31.24 -2.41
C PRO A 99 1.20 -32.68 -2.90
N GLU A 100 -0.07 -33.02 -3.15
CA GLU A 100 -0.52 -34.29 -3.79
C GLU A 100 -0.88 -33.97 -5.23
N CYS A 101 0.07 -34.15 -6.17
CA CYS A 101 -0.13 -33.86 -7.62
C CYS A 101 -0.03 -35.15 -8.44
N PRO A 102 -0.66 -35.22 -9.63
CA PRO A 102 -0.33 -36.26 -10.60
C PRO A 102 1.14 -36.15 -10.99
N ALA A 103 1.80 -37.30 -11.15
CA ALA A 103 3.22 -37.38 -11.59
C ALA A 103 3.34 -36.55 -12.86
N GLY A 104 4.54 -36.06 -13.16
CA GLY A 104 4.75 -35.12 -14.27
C GLY A 104 4.71 -33.69 -13.76
N PHE A 105 3.83 -33.37 -12.81
CA PHE A 105 3.73 -32.00 -12.25
C PHE A 105 5.08 -31.66 -11.60
N VAL A 106 5.73 -30.58 -12.05
CA VAL A 106 7.07 -30.17 -11.55
C VAL A 106 6.88 -29.21 -10.37
N ARG A 107 5.68 -28.62 -10.22
CA ARG A 107 5.39 -27.63 -9.16
C ARG A 107 3.89 -27.56 -8.91
N PRO A 108 3.46 -27.31 -7.65
CA PRO A 108 2.07 -27.00 -7.39
C PRO A 108 1.72 -25.82 -8.30
N PRO A 109 0.66 -25.91 -9.13
CA PRO A 109 0.19 -24.75 -9.87
C PRO A 109 -0.37 -23.70 -8.91
N LEU A 110 -0.50 -22.47 -9.41
CA LEU A 110 -1.18 -21.33 -8.72
C LEU A 110 -2.40 -20.89 -9.55
N ILE A 111 -3.58 -20.86 -8.91
CA ILE A 111 -4.79 -20.23 -9.50
C ILE A 111 -5.11 -18.99 -8.69
N ILE A 112 -5.11 -17.83 -9.34
CA ILE A 112 -5.54 -16.54 -8.71
C ILE A 112 -6.99 -16.27 -9.13
N PHE A 113 -7.90 -16.29 -8.17
CA PHE A 113 -9.35 -16.00 -8.32
C PHE A 113 -9.65 -14.56 -7.84
N SER A 114 -9.74 -13.61 -8.77
CA SER A 114 -10.01 -12.17 -8.50
C SER A 114 -11.50 -11.88 -8.56
N VAL A 115 -12.05 -11.43 -7.44
CA VAL A 115 -13.43 -10.87 -7.34
C VAL A 115 -13.32 -9.35 -7.18
N ASP A 116 -14.23 -8.64 -7.81
CA ASP A 116 -14.16 -7.16 -7.92
C ASP A 116 -15.12 -6.53 -6.92
N GLY A 117 -14.67 -5.50 -6.22
CA GLY A 117 -15.48 -4.72 -5.27
C GLY A 117 -15.99 -5.59 -4.14
N PHE A 118 -15.20 -6.57 -3.69
CA PHE A 118 -15.55 -7.54 -2.61
C PHE A 118 -15.10 -6.98 -1.26
N ARG A 119 -16.06 -6.44 -0.51
CA ARG A 119 -15.86 -5.97 0.88
C ARG A 119 -15.44 -7.13 1.79
N ALA A 120 -14.36 -6.95 2.54
CA ALA A 120 -13.97 -7.78 3.71
C ALA A 120 -15.19 -8.16 4.55
N SER A 121 -16.18 -7.28 4.68
CA SER A 121 -17.35 -7.48 5.58
C SER A 121 -18.28 -8.57 5.02
N TYR A 122 -18.22 -8.85 3.72
CA TYR A 122 -19.10 -9.85 3.05
C TYR A 122 -18.87 -11.25 3.64
N MET A 123 -17.65 -11.55 4.09
CA MET A 123 -17.29 -12.86 4.71
C MET A 123 -18.08 -13.10 6.02
N LYS A 124 -18.63 -12.06 6.66
CA LYS A 124 -19.48 -12.21 7.88
C LYS A 124 -20.82 -12.91 7.54
N LYS A 125 -21.25 -12.89 6.28
CA LYS A 125 -22.48 -13.58 5.76
C LYS A 125 -22.28 -15.11 5.76
N GLY A 126 -21.04 -15.54 5.57
CA GLY A 126 -20.54 -16.88 5.93
C GLY A 126 -21.07 -17.95 5.00
N SER A 127 -21.00 -19.21 5.48
CA SER A 127 -21.35 -20.45 4.75
C SER A 127 -22.77 -20.36 4.21
N LYS A 128 -23.69 -19.76 4.97
CA LYS A 128 -25.13 -19.74 4.64
C LYS A 128 -25.35 -19.10 3.27
N VAL A 129 -24.42 -18.27 2.80
CA VAL A 129 -24.48 -17.64 1.44
C VAL A 129 -23.34 -18.16 0.57
N MET A 130 -22.12 -18.30 1.11
CA MET A 130 -20.91 -18.66 0.33
C MET A 130 -20.16 -19.83 0.97
N PRO A 131 -20.72 -21.06 0.94
CA PRO A 131 -20.11 -22.20 1.63
C PRO A 131 -18.72 -22.58 1.10
N ASN A 132 -18.49 -22.44 -0.21
CA ASN A 132 -17.18 -22.76 -0.84
C ASN A 132 -16.13 -21.73 -0.44
N ILE A 133 -16.47 -20.44 -0.45
CA ILE A 133 -15.50 -19.37 -0.07
C ILE A 133 -15.19 -19.50 1.43
N GLU A 134 -16.19 -19.83 2.25
CA GLU A 134 -16.04 -19.98 3.71
C GLU A 134 -15.07 -21.12 3.97
N LYS A 135 -15.23 -22.25 3.27
CA LYS A 135 -14.35 -23.43 3.45
C LYS A 135 -12.92 -23.04 3.04
N LEU A 136 -12.73 -22.44 1.87
CA LEU A 136 -11.40 -21.95 1.42
C LEU A 136 -10.77 -21.13 2.55
N ARG A 137 -11.59 -20.26 3.16
CA ARG A 137 -11.16 -19.22 4.13
C ARG A 137 -10.79 -19.89 5.46
N SER A 138 -11.66 -20.75 5.99
CA SER A 138 -11.53 -21.32 7.35
C SER A 138 -10.48 -22.42 7.37
N CYS A 139 -10.17 -23.01 6.21
CA CYS A 139 -9.36 -24.24 6.08
C CYS A 139 -7.94 -23.91 5.62
N GLY A 140 -7.80 -22.84 4.83
CA GLY A 140 -6.50 -22.32 4.38
C GLY A 140 -6.01 -21.19 5.28
N THR A 141 -5.34 -20.21 4.69
CA THR A 141 -4.83 -19.01 5.39
C THR A 141 -5.66 -17.79 4.97
N HIS A 142 -6.07 -16.97 5.93
CA HIS A 142 -6.84 -15.72 5.67
C HIS A 142 -6.37 -14.57 6.56
N ALA A 143 -6.48 -13.34 6.05
CA ALA A 143 -6.44 -12.08 6.82
C ALA A 143 -7.86 -11.64 7.15
N PRO A 144 -8.11 -10.85 8.23
CA PRO A 144 -9.42 -10.27 8.47
C PRO A 144 -9.80 -9.32 7.33
N TYR A 145 -8.79 -8.77 6.65
CA TYR A 145 -8.97 -7.94 5.45
C TYR A 145 -7.59 -7.65 4.85
N MET A 146 -7.58 -7.12 3.62
CA MET A 146 -6.35 -6.68 2.91
C MET A 146 -6.56 -5.24 2.45
N ARG A 147 -5.49 -4.44 2.53
CA ARG A 147 -5.51 -3.01 2.18
C ARG A 147 -5.18 -2.90 0.71
N PRO A 148 -6.08 -2.32 -0.11
CA PRO A 148 -5.78 -2.04 -1.50
C PRO A 148 -4.86 -0.81 -1.57
N VAL A 149 -4.43 -0.43 -2.77
CA VAL A 149 -3.70 0.83 -3.06
C VAL A 149 -4.73 1.92 -3.42
N TYR A 150 -4.30 3.18 -3.37
CA TYR A 150 -5.06 4.38 -3.80
C TYR A 150 -4.65 4.69 -5.25
N PRO A 151 -5.59 5.09 -6.12
CA PRO A 151 -7.00 5.13 -5.78
C PRO A 151 -7.59 3.71 -5.66
N THR A 152 -8.64 3.53 -4.85
CA THR A 152 -9.29 2.22 -4.57
C THR A 152 -10.22 1.87 -5.73
N LYS A 153 -9.67 1.96 -6.95
CA LYS A 153 -10.34 1.69 -8.23
C LYS A 153 -9.79 0.36 -8.77
N THR A 154 -10.42 -0.18 -9.81
CA THR A 154 -10.17 -1.54 -10.35
C THR A 154 -8.78 -1.66 -10.96
N PHE A 155 -8.51 -0.87 -11.99
CA PHE A 155 -7.31 -1.03 -12.85
C PHE A 155 -6.03 -0.79 -12.06
N PRO A 156 -5.92 0.32 -11.29
CA PRO A 156 -4.75 0.53 -10.43
C PRO A 156 -4.42 -0.61 -9.46
N ASN A 157 -5.48 -1.20 -8.88
CA ASN A 157 -5.40 -2.30 -7.91
C ASN A 157 -5.12 -3.64 -8.61
N LEU A 158 -5.77 -3.93 -9.72
CA LEU A 158 -5.54 -5.21 -10.43
C LEU A 158 -4.11 -5.25 -10.93
N TYR A 159 -3.55 -4.12 -11.39
CA TYR A 159 -2.17 -4.11 -11.94
C TYR A 159 -1.15 -3.99 -10.80
N THR A 160 -1.54 -3.44 -9.64
CA THR A 160 -0.72 -3.50 -8.41
C THR A 160 -0.58 -4.96 -7.96
N LEU A 161 -1.67 -5.72 -7.86
CA LEU A 161 -1.66 -7.20 -7.60
C LEU A 161 -0.62 -7.86 -8.51
N ALA A 162 -0.68 -7.61 -9.82
CA ALA A 162 0.10 -8.36 -10.84
C ALA A 162 1.59 -7.98 -10.79
N THR A 163 1.95 -6.81 -10.23
CA THR A 163 3.30 -6.21 -10.35
C THR A 163 3.99 -5.96 -8.99
N GLY A 164 3.25 -5.91 -7.88
CA GLY A 164 3.79 -5.49 -6.56
C GLY A 164 4.20 -4.01 -6.50
N LEU A 165 3.84 -3.20 -7.48
CA LEU A 165 4.20 -1.76 -7.61
C LEU A 165 3.03 -0.85 -7.21
N TYR A 166 3.37 0.30 -6.64
CA TYR A 166 2.44 1.44 -6.48
C TYR A 166 2.00 1.91 -7.87
N PRO A 167 0.71 2.26 -8.04
CA PRO A 167 0.23 2.80 -9.31
C PRO A 167 1.17 3.85 -9.93
N GLU A 168 1.80 4.69 -9.11
CA GLU A 168 2.68 5.78 -9.60
C GLU A 168 3.88 5.15 -10.32
N SER A 169 4.26 3.95 -9.92
CA SER A 169 5.39 3.23 -10.55
C SER A 169 4.95 2.46 -11.80
N HIS A 170 3.85 1.70 -11.72
CA HIS A 170 3.38 0.86 -12.87
C HIS A 170 2.61 1.72 -13.90
N GLY A 171 2.13 2.92 -13.52
CA GLY A 171 1.67 3.93 -14.47
C GLY A 171 0.17 3.92 -14.68
N ILE A 172 -0.52 2.88 -14.17
CA ILE A 172 -2.01 2.76 -14.18
C ILE A 172 -2.54 3.48 -12.92
N VAL A 173 -2.52 4.80 -12.98
CA VAL A 173 -2.79 5.71 -11.85
C VAL A 173 -4.32 5.84 -11.66
N GLY A 174 -5.11 5.38 -12.64
CA GLY A 174 -6.58 5.43 -12.53
C GLY A 174 -7.28 4.58 -13.58
N ASN A 175 -8.60 4.42 -13.45
CA ASN A 175 -9.43 3.80 -14.51
C ASN A 175 -9.41 4.75 -15.72
N SER A 176 -9.46 6.05 -15.45
CA SER A 176 -9.31 7.14 -16.46
C SER A 176 -8.03 7.90 -16.16
N MET A 177 -7.31 8.29 -17.20
CA MET A 177 -6.09 9.10 -17.03
C MET A 177 -5.65 9.66 -18.37
N TYR A 178 -4.90 10.76 -18.31
CA TYR A 178 -4.37 11.51 -19.47
C TYR A 178 -2.84 11.57 -19.36
N ASP A 179 -2.14 11.33 -20.46
CA ASP A 179 -0.66 11.33 -20.47
C ASP A 179 -0.18 12.49 -21.32
N PRO A 180 0.37 13.55 -20.68
CA PRO A 180 0.80 14.76 -21.38
C PRO A 180 1.85 14.56 -22.49
N VAL A 181 2.76 13.60 -22.33
CA VAL A 181 3.83 13.31 -23.32
C VAL A 181 3.20 12.57 -24.51
N PHE A 182 2.26 11.65 -24.24
CA PHE A 182 1.54 10.91 -25.30
C PHE A 182 0.52 11.82 -25.97
N ASP A 183 -0.01 12.79 -25.21
CA ASP A 183 -1.24 13.54 -25.61
C ASP A 183 -2.32 12.52 -26.01
N ALA A 184 -2.52 11.48 -25.19
CA ALA A 184 -3.65 10.53 -25.32
C ALA A 184 -4.25 10.26 -23.95
N SER A 185 -5.51 9.80 -23.93
CA SER A 185 -6.27 9.46 -22.70
C SER A 185 -6.49 7.95 -22.66
N PHE A 186 -6.53 7.41 -21.45
CA PHE A 186 -6.76 5.98 -21.15
C PHE A 186 -8.14 5.89 -20.52
N HIS A 187 -9.00 5.07 -21.09
CA HIS A 187 -10.35 4.76 -20.56
C HIS A 187 -10.61 3.26 -20.63
N LEU A 188 -11.59 2.83 -19.85
CA LEU A 188 -12.08 1.43 -19.75
C LEU A 188 -12.83 1.03 -21.01
N ARG A 189 -13.09 1.96 -21.94
CA ARG A 189 -13.51 1.64 -23.34
C ARG A 189 -12.64 2.41 -24.33
N GLY A 190 -12.25 1.75 -25.42
CA GLY A 190 -11.35 2.29 -26.45
C GLY A 190 -10.22 1.33 -26.77
N ARG A 191 -9.60 1.50 -27.94
CA ARG A 191 -8.41 0.73 -28.38
C ARG A 191 -7.19 1.11 -27.52
N GLU A 192 -7.26 2.23 -26.80
CA GLU A 192 -6.06 2.88 -26.18
C GLU A 192 -5.49 2.02 -25.05
N LYS A 193 -6.36 1.44 -24.22
CA LYS A 193 -5.96 0.56 -23.09
C LYS A 193 -5.20 -0.67 -23.61
N PHE A 194 -5.33 -1.05 -24.89
CA PHE A 194 -4.60 -2.19 -25.49
C PHE A 194 -3.18 -1.79 -25.91
N ASN A 195 -2.81 -0.49 -25.85
CA ASN A 195 -1.43 -0.04 -26.15
C ASN A 195 -0.52 -0.34 -24.95
N HIS A 196 0.56 -1.12 -25.18
CA HIS A 196 1.51 -1.57 -24.14
C HIS A 196 2.01 -0.37 -23.32
N ARG A 197 2.40 0.71 -23.99
CA ARG A 197 3.14 1.87 -23.42
C ARG A 197 2.55 2.38 -22.10
N TRP A 198 1.25 2.16 -21.85
CA TRP A 198 0.54 2.50 -20.59
C TRP A 198 1.01 1.63 -19.43
N TRP A 199 1.38 0.38 -19.72
CA TRP A 199 1.52 -0.71 -18.73
C TRP A 199 3.00 -0.88 -18.36
N GLY A 200 3.41 -0.38 -17.19
CA GLY A 200 4.80 -0.38 -16.71
C GLY A 200 5.03 -1.51 -15.73
N GLY A 201 6.23 -1.64 -15.19
CA GLY A 201 6.55 -2.73 -14.27
C GLY A 201 6.68 -4.06 -14.98
N GLN A 202 6.56 -5.16 -14.24
CA GLN A 202 6.62 -6.52 -14.81
C GLN A 202 5.57 -7.41 -14.16
N PRO A 203 4.41 -7.63 -14.81
CA PRO A 203 3.32 -8.38 -14.17
C PRO A 203 3.66 -9.87 -14.10
N LEU A 204 3.04 -10.58 -13.17
CA LEU A 204 3.39 -11.98 -12.79
C LEU A 204 3.57 -12.86 -14.06
N TRP A 205 2.65 -12.79 -15.02
CA TRP A 205 2.60 -13.63 -16.26
C TRP A 205 3.85 -13.39 -17.10
N ILE A 206 4.40 -12.18 -17.10
CA ILE A 206 5.66 -11.85 -17.82
C ILE A 206 6.85 -12.40 -17.02
N THR A 207 6.87 -12.20 -15.70
CA THR A 207 7.94 -12.71 -14.80
C THR A 207 8.07 -14.21 -15.02
N ALA A 208 6.97 -14.92 -14.84
CA ALA A 208 6.88 -16.39 -15.04
C ALA A 208 7.49 -16.76 -16.40
N THR A 209 6.86 -16.33 -17.48
CA THR A 209 7.24 -16.65 -18.88
C THR A 209 8.73 -16.45 -19.09
N LYS A 210 9.29 -15.38 -18.52
CA LYS A 210 10.71 -15.01 -18.76
C LYS A 210 11.63 -15.99 -18.02
N GLN A 211 11.11 -16.64 -16.98
CA GLN A 211 11.89 -17.56 -16.11
C GLN A 211 11.48 -19.01 -16.43
N GLY A 212 10.96 -19.25 -17.63
CA GLY A 212 10.65 -20.59 -18.16
C GLY A 212 9.25 -21.06 -17.79
N VAL A 213 8.54 -20.35 -16.93
CA VAL A 213 7.24 -20.84 -16.37
C VAL A 213 6.10 -20.34 -17.25
N ARG A 214 5.33 -21.27 -17.83
CA ARG A 214 4.14 -20.95 -18.66
C ARG A 214 3.04 -20.40 -17.74
N ALA A 215 2.32 -19.42 -18.27
CA ALA A 215 1.20 -18.73 -17.60
C ALA A 215 -0.05 -18.95 -18.43
N GLY A 216 -1.19 -19.23 -17.78
CA GLY A 216 -2.49 -19.31 -18.47
C GLY A 216 -2.82 -17.93 -18.97
N THR A 217 -3.19 -17.75 -20.25
CA THR A 217 -3.62 -16.42 -20.76
C THR A 217 -4.59 -15.84 -19.71
N PHE A 218 -4.12 -14.90 -18.90
CA PHE A 218 -4.87 -14.46 -17.68
C PHE A 218 -6.25 -13.94 -18.10
N PHE A 219 -6.28 -12.82 -18.82
CA PHE A 219 -7.57 -12.10 -19.05
C PHE A 219 -8.33 -12.87 -20.13
N TRP A 220 -9.41 -12.29 -20.66
CA TRP A 220 -10.48 -13.02 -21.41
C TRP A 220 -11.46 -12.03 -22.05
N SER A 221 -11.98 -12.36 -23.23
CA SER A 221 -13.04 -11.54 -23.89
C SER A 221 -14.26 -11.61 -22.98
N VAL A 222 -14.89 -10.44 -22.74
CA VAL A 222 -15.88 -10.27 -21.65
C VAL A 222 -17.09 -11.12 -22.03
N SER A 223 -17.31 -11.26 -23.34
CA SER A 223 -18.44 -12.05 -23.92
C SER A 223 -18.35 -13.50 -23.43
N ILE A 224 -17.17 -13.98 -23.01
CA ILE A 224 -17.00 -15.41 -22.60
C ILE A 224 -17.56 -15.61 -21.20
N PRO A 225 -18.62 -16.46 -21.03
CA PRO A 225 -19.27 -16.65 -19.74
C PRO A 225 -18.30 -17.31 -18.75
N HIS A 226 -18.50 -17.11 -17.45
CA HIS A 226 -17.55 -17.56 -16.40
CA HIS A 226 -17.52 -17.56 -16.42
C HIS A 226 -17.43 -19.09 -16.41
N GLU A 227 -18.53 -19.80 -16.75
CA GLU A 227 -18.53 -21.29 -16.77
C GLU A 227 -17.48 -21.76 -17.77
N ARG A 228 -17.42 -21.15 -18.95
CA ARG A 228 -16.47 -21.53 -20.04
C ARG A 228 -15.04 -21.23 -19.60
N ARG A 229 -14.84 -20.13 -18.85
CA ARG A 229 -13.53 -19.72 -18.29
C ARG A 229 -13.03 -20.82 -17.37
N ILE A 230 -13.87 -21.22 -16.40
CA ILE A 230 -13.54 -22.32 -15.44
C ILE A 230 -13.19 -23.57 -16.25
N LEU A 231 -14.04 -23.97 -17.17
CA LEU A 231 -13.81 -25.20 -17.99
C LEU A 231 -12.50 -25.08 -18.78
N THR A 232 -12.15 -23.91 -19.35
CA THR A 232 -10.90 -23.69 -20.12
C THR A 232 -9.65 -23.83 -19.22
N ILE A 233 -9.71 -23.31 -18.00
CA ILE A 233 -8.63 -23.48 -16.98
C ILE A 233 -8.42 -24.98 -16.76
N LEU A 234 -9.52 -25.70 -16.50
CA LEU A 234 -9.47 -27.15 -16.17
C LEU A 234 -8.92 -27.92 -17.37
N GLN A 235 -9.16 -27.47 -18.60
CA GLN A 235 -8.64 -28.17 -19.80
C GLN A 235 -7.15 -27.90 -19.93
N TRP A 236 -6.73 -26.65 -19.77
CA TRP A 236 -5.29 -26.27 -19.72
C TRP A 236 -4.54 -27.11 -18.69
N LEU A 237 -5.14 -27.31 -17.50
CA LEU A 237 -4.60 -28.16 -16.39
C LEU A 237 -4.53 -29.65 -16.79
N SER A 238 -5.28 -30.08 -17.82
CA SER A 238 -5.25 -31.44 -18.41
C SER A 238 -4.15 -31.55 -19.48
N LEU A 239 -3.60 -30.45 -19.99
CA LEU A 239 -2.59 -30.50 -21.09
C LEU A 239 -1.39 -31.35 -20.68
N PRO A 240 -0.54 -31.78 -21.64
CA PRO A 240 0.69 -32.48 -21.30
C PRO A 240 1.68 -31.52 -20.61
N ASP A 241 2.64 -32.11 -19.90
CA ASP A 241 3.63 -31.44 -19.02
C ASP A 241 4.35 -30.33 -19.77
N ASN A 242 4.63 -30.49 -21.07
CA ASN A 242 5.47 -29.53 -21.83
C ASN A 242 4.62 -28.37 -22.38
N GLU A 243 3.29 -28.40 -22.18
CA GLU A 243 2.34 -27.37 -22.69
C GLU A 243 1.59 -26.69 -21.54
N ARG A 244 1.34 -27.43 -20.44
CA ARG A 244 0.51 -27.03 -19.27
C ARG A 244 1.10 -25.77 -18.59
N PRO A 245 0.31 -24.71 -18.37
CA PRO A 245 0.74 -23.60 -17.52
C PRO A 245 0.84 -23.97 -16.04
N SER A 246 1.62 -23.19 -15.27
CA SER A 246 1.76 -23.31 -13.80
C SER A 246 1.00 -22.19 -13.10
N VAL A 247 0.62 -21.13 -13.82
CA VAL A 247 -0.11 -19.99 -13.21
C VAL A 247 -1.36 -19.69 -14.05
N TYR A 248 -2.49 -19.60 -13.36
CA TYR A 248 -3.83 -19.35 -13.93
C TYR A 248 -4.46 -18.16 -13.22
N ALA A 249 -5.26 -17.40 -13.95
CA ALA A 249 -6.02 -16.26 -13.41
C ALA A 249 -7.47 -16.34 -13.87
N PHE A 250 -8.39 -16.20 -12.92
CA PHE A 250 -9.83 -15.96 -13.14
C PHE A 250 -10.20 -14.60 -12.50
N TYR A 251 -10.84 -13.71 -13.27
CA TYR A 251 -11.37 -12.42 -12.78
C TYR A 251 -12.89 -12.38 -12.95
N SER A 252 -13.63 -12.06 -11.88
CA SER A 252 -15.09 -11.77 -11.90
C SER A 252 -15.32 -10.27 -11.71
N GLU A 253 -16.27 -9.69 -12.44
CA GLU A 253 -16.71 -8.27 -12.31
C GLU A 253 -17.70 -8.11 -11.14
N GLN A 254 -18.12 -9.18 -10.46
CA GLN A 254 -19.03 -9.13 -9.29
C GLN A 254 -18.21 -9.28 -8.01
N PRO A 255 -18.70 -8.93 -6.80
CA PRO A 255 -19.99 -8.28 -6.60
C PRO A 255 -20.02 -6.76 -6.87
N ASP A 256 -18.94 -6.21 -7.43
CA ASP A 256 -18.78 -4.77 -7.76
C ASP A 256 -20.01 -4.25 -8.52
N PHE A 257 -20.37 -4.87 -9.66
CA PHE A 257 -21.49 -4.41 -10.50
C PHE A 257 -22.71 -4.22 -9.61
N SER A 258 -23.12 -5.25 -8.87
CA SER A 258 -24.32 -5.26 -7.99
C SER A 258 -24.13 -4.31 -6.81
N GLY A 259 -22.88 -4.18 -6.36
CA GLY A 259 -22.48 -3.20 -5.33
C GLY A 259 -22.81 -1.79 -5.78
N HIS A 260 -22.35 -1.40 -6.97
CA HIS A 260 -22.63 -0.06 -7.57
C HIS A 260 -24.13 0.15 -7.72
N LYS A 261 -24.86 -0.85 -8.21
CA LYS A 261 -26.30 -0.69 -8.52
C LYS A 261 -27.11 -0.58 -7.22
N TYR A 262 -26.94 -1.53 -6.29
CA TYR A 262 -27.82 -1.71 -5.11
C TYR A 262 -27.15 -1.16 -3.83
N GLY A 263 -25.89 -0.75 -3.90
CA GLY A 263 -25.12 -0.36 -2.72
C GLY A 263 -24.55 -1.59 -2.01
N PRO A 264 -23.53 -1.41 -1.14
CA PRO A 264 -22.80 -2.55 -0.56
C PRO A 264 -23.53 -3.35 0.53
N PHE A 265 -24.63 -2.84 1.08
CA PHE A 265 -25.48 -3.49 2.11
C PHE A 265 -26.89 -3.75 1.56
N GLY A 266 -27.04 -3.82 0.23
CA GLY A 266 -28.33 -4.13 -0.40
C GLY A 266 -28.73 -5.59 -0.16
N PRO A 267 -30.03 -5.91 0.02
CA PRO A 267 -30.45 -7.31 0.12
C PRO A 267 -30.17 -8.04 -1.21
N GLU A 268 -30.08 -7.27 -2.30
CA GLU A 268 -29.86 -7.78 -3.69
C GLU A 268 -28.44 -8.33 -3.87
N MET A 269 -27.56 -8.19 -2.87
CA MET A 269 -26.13 -8.63 -2.93
C MET A 269 -26.00 -10.13 -2.70
N THR A 270 -27.03 -10.78 -2.14
CA THR A 270 -27.02 -12.24 -1.85
C THR A 270 -26.82 -13.02 -3.14
N ASN A 271 -27.62 -12.77 -4.18
CA ASN A 271 -27.59 -13.65 -5.39
C ASN A 271 -26.26 -13.51 -6.13
N PRO A 272 -25.73 -12.27 -6.31
CA PRO A 272 -24.37 -12.09 -6.82
C PRO A 272 -23.28 -12.84 -6.06
N LEU A 273 -23.39 -12.95 -4.74
CA LEU A 273 -22.37 -13.64 -3.91
C LEU A 273 -22.59 -15.15 -3.97
N ARG A 274 -23.85 -15.59 -3.99
CA ARG A 274 -24.23 -17.00 -4.26
C ARG A 274 -23.67 -17.41 -5.63
N GLU A 275 -23.81 -16.56 -6.64
CA GLU A 275 -23.26 -16.81 -8.01
C GLU A 275 -21.73 -16.94 -7.97
N ILE A 276 -21.01 -16.03 -7.35
CA ILE A 276 -19.51 -16.14 -7.20
C ILE A 276 -19.17 -17.44 -6.47
N ASP A 277 -19.90 -17.78 -5.41
CA ASP A 277 -19.63 -19.00 -4.63
C ASP A 277 -19.81 -20.26 -5.49
N LYS A 278 -20.90 -20.29 -6.28
CA LYS A 278 -21.19 -21.37 -7.26
C LYS A 278 -19.99 -21.54 -8.20
N THR A 279 -19.53 -20.45 -8.81
CA THR A 279 -18.35 -20.46 -9.72
C THR A 279 -17.15 -21.09 -9.02
N VAL A 280 -16.91 -20.74 -7.76
CA VAL A 280 -15.77 -21.27 -6.93
C VAL A 280 -15.98 -22.79 -6.80
N GLY A 281 -17.23 -23.21 -6.53
CA GLY A 281 -17.66 -24.61 -6.44
C GLY A 281 -17.33 -25.39 -7.71
N GLN A 282 -17.51 -24.76 -8.87
CA GLN A 282 -17.21 -25.41 -10.17
C GLN A 282 -15.70 -25.63 -10.24
N LEU A 283 -14.91 -24.63 -9.88
CA LEU A 283 -13.43 -24.74 -9.92
C LEU A 283 -12.96 -25.88 -8.99
N MET A 284 -13.50 -25.95 -7.77
CA MET A 284 -13.03 -26.89 -6.73
C MET A 284 -13.51 -28.31 -7.07
N ASP A 285 -14.80 -28.48 -7.42
CA ASP A 285 -15.33 -29.74 -7.96
C ASP A 285 -14.53 -30.11 -9.21
N GLY A 286 -14.33 -29.13 -10.08
CA GLY A 286 -13.44 -29.26 -11.26
C GLY A 286 -12.11 -29.85 -10.87
N LEU A 287 -11.43 -29.29 -9.86
CA LEU A 287 -10.05 -29.66 -9.48
C LEU A 287 -10.04 -31.04 -8.81
N LYS A 288 -11.03 -31.30 -7.95
CA LYS A 288 -11.18 -32.61 -7.27
C LYS A 288 -11.38 -33.71 -8.32
N GLN A 289 -12.10 -33.38 -9.39
CA GLN A 289 -12.33 -34.26 -10.57
C GLN A 289 -10.99 -34.64 -11.20
N LEU A 290 -10.05 -33.70 -11.34
CA LEU A 290 -8.71 -33.93 -11.98
C LEU A 290 -7.69 -34.44 -10.95
N ARG A 291 -8.10 -34.62 -9.69
CA ARG A 291 -7.22 -34.94 -8.51
C ARG A 291 -6.18 -33.83 -8.29
N LEU A 292 -6.59 -32.57 -8.31
CA LEU A 292 -5.66 -31.41 -8.21
C LEU A 292 -6.03 -30.52 -7.02
N HIS A 293 -7.06 -30.93 -6.28
CA HIS A 293 -7.64 -30.14 -5.17
C HIS A 293 -6.74 -30.17 -3.93
N ARG A 294 -5.70 -31.01 -3.91
CA ARG A 294 -4.66 -31.02 -2.85
C ARG A 294 -3.30 -30.87 -3.51
N CYS A 295 -3.28 -30.31 -4.73
CA CYS A 295 -2.07 -30.03 -5.53
C CYS A 295 -1.92 -28.52 -5.76
N VAL A 296 -3.05 -27.82 -5.94
CA VAL A 296 -3.08 -26.43 -6.48
C VAL A 296 -3.21 -25.42 -5.32
N ASN A 297 -2.43 -24.34 -5.39
CA ASN A 297 -2.57 -23.17 -4.50
C ASN A 297 -3.59 -22.22 -5.11
N VAL A 298 -4.64 -21.96 -4.35
CA VAL A 298 -5.74 -21.05 -4.75
C VAL A 298 -5.57 -19.79 -3.92
N ILE A 299 -5.49 -18.65 -4.60
CA ILE A 299 -5.66 -17.30 -4.00
C ILE A 299 -7.06 -16.77 -4.39
N PHE A 300 -7.85 -16.41 -3.37
CA PHE A 300 -9.11 -15.66 -3.48
C PHE A 300 -8.87 -14.21 -2.99
N VAL A 301 -8.79 -13.28 -3.93
CA VAL A 301 -8.35 -11.89 -3.67
C VAL A 301 -9.29 -10.87 -4.31
N GLY A 302 -9.60 -9.83 -3.53
CA GLY A 302 -10.35 -8.65 -3.95
C GLY A 302 -9.43 -7.51 -4.36
N ASP A 303 -9.94 -6.61 -5.19
CA ASP A 303 -9.15 -5.46 -5.71
C ASP A 303 -9.44 -4.21 -4.87
N HIS A 304 -10.61 -4.18 -4.21
CA HIS A 304 -11.08 -3.13 -3.29
C HIS A 304 -12.49 -3.44 -2.77
N GLY A 305 -13.00 -2.62 -1.86
CA GLY A 305 -14.37 -2.75 -1.34
C GLY A 305 -15.34 -1.84 -2.06
N MET A 306 -16.39 -1.42 -1.33
CA MET A 306 -17.57 -0.69 -1.84
C MET A 306 -18.18 0.04 -0.64
N GLU A 307 -18.60 1.30 -0.84
CA GLU A 307 -19.17 2.22 0.18
C GLU A 307 -20.56 2.67 -0.29
N ASP A 308 -21.45 3.04 0.63
CA ASP A 308 -22.71 3.74 0.27
C ASP A 308 -22.38 5.12 -0.33
N VAL A 309 -22.70 5.36 -1.61
CA VAL A 309 -22.49 6.67 -2.28
C VAL A 309 -23.69 6.92 -3.20
N THR A 310 -24.44 8.00 -2.93
CA THR A 310 -25.60 8.43 -3.75
C THR A 310 -25.29 9.78 -4.40
N CYS A 311 -25.95 10.09 -5.52
CA CYS A 311 -25.68 11.32 -6.32
C CYS A 311 -26.12 12.55 -5.52
N ASP A 312 -27.09 12.42 -4.59
CA ASP A 312 -27.51 13.54 -3.70
C ASP A 312 -26.34 13.98 -2.79
N ARG A 313 -25.37 13.08 -2.50
CA ARG A 313 -24.14 13.38 -1.73
C ARG A 313 -23.01 13.68 -2.71
N THR A 314 -23.20 14.70 -3.53
CA THR A 314 -22.17 15.22 -4.47
C THR A 314 -21.82 16.67 -4.11
N GLU A 315 -20.54 17.01 -4.21
CA GLU A 315 -20.02 18.39 -4.17
C GLU A 315 -19.78 18.88 -5.59
N PHE A 316 -20.13 20.13 -5.87
CA PHE A 316 -19.89 20.77 -7.19
C PHE A 316 -18.81 21.82 -6.99
N LEU A 317 -17.82 21.81 -7.88
CA LEU A 317 -16.70 22.78 -7.98
C LEU A 317 -17.23 24.17 -8.38
N SER A 318 -18.35 24.21 -9.12
CA SER A 318 -19.03 25.44 -9.63
C SER A 318 -19.53 26.31 -8.47
N ASN A 319 -19.76 25.72 -7.29
CA ASN A 319 -20.06 26.43 -6.02
C ASN A 319 -18.79 26.89 -5.29
N TYR A 320 -17.62 26.86 -5.95
CA TYR A 320 -16.30 27.26 -5.39
C TYR A 320 -15.52 28.11 -6.40
N LEU A 321 -15.38 27.62 -7.62
CA LEU A 321 -14.62 28.22 -8.74
C LEU A 321 -15.60 29.02 -9.59
N THR A 322 -15.21 30.21 -10.04
CA THR A 322 -16.09 31.06 -10.88
C THR A 322 -15.92 30.67 -12.35
N ASN A 323 -14.84 29.97 -12.72
CA ASN A 323 -14.59 29.47 -14.10
C ASN A 323 -14.32 27.98 -14.07
N VAL A 324 -15.37 27.14 -14.04
CA VAL A 324 -15.21 25.65 -14.14
C VAL A 324 -15.03 25.24 -15.60
N ASP A 325 -15.31 26.14 -16.55
CA ASP A 325 -15.07 25.92 -18.00
C ASP A 325 -13.58 26.01 -18.34
N ASP A 326 -12.76 26.60 -17.47
CA ASP A 326 -11.30 26.76 -17.71
C ASP A 326 -10.59 25.45 -17.39
N ILE A 327 -11.22 24.54 -16.62
CA ILE A 327 -10.56 23.32 -16.08
C ILE A 327 -11.22 22.03 -16.61
N THR A 328 -10.46 20.94 -16.56
CA THR A 328 -10.93 19.56 -16.74
C THR A 328 -10.87 18.87 -15.38
N LEU A 329 -11.91 18.12 -15.01
CA LEU A 329 -11.97 17.38 -13.72
C LEU A 329 -12.19 15.88 -13.98
N VAL A 330 -11.29 15.05 -13.49
CA VAL A 330 -11.57 13.60 -13.27
C VAL A 330 -12.44 13.50 -12.03
N PRO A 331 -13.78 13.27 -12.18
CA PRO A 331 -14.74 13.37 -11.10
C PRO A 331 -14.85 12.08 -10.29
N GLY A 332 -15.75 12.04 -9.29
CA GLY A 332 -16.10 10.83 -8.52
C GLY A 332 -15.53 10.83 -7.11
N THR A 333 -15.02 9.67 -6.68
CA THR A 333 -14.54 9.38 -5.30
C THR A 333 -13.14 9.92 -5.05
N LEU A 334 -12.53 10.51 -6.09
CA LEU A 334 -11.32 11.35 -6.00
C LEU A 334 -11.49 12.49 -6.98
N GLY A 335 -10.65 13.51 -6.87
CA GLY A 335 -10.60 14.61 -7.84
C GLY A 335 -9.21 14.72 -8.43
N ARG A 336 -9.14 14.96 -9.73
CA ARG A 336 -7.88 15.32 -10.44
C ARG A 336 -8.23 16.47 -11.38
N ILE A 337 -7.63 17.64 -11.14
CA ILE A 337 -7.92 18.89 -11.90
C ILE A 337 -6.68 19.24 -12.71
N ARG A 338 -6.88 19.64 -13.95
CA ARG A 338 -5.85 20.27 -14.82
C ARG A 338 -6.58 21.28 -15.73
N ALA A 339 -5.81 22.08 -16.47
CA ALA A 339 -6.35 23.05 -17.43
C ALA A 339 -7.13 22.29 -18.50
N LYS A 340 -8.27 22.83 -18.93
CA LYS A 340 -9.04 22.26 -20.07
C LYS A 340 -8.14 22.31 -21.31
N SER A 341 -7.49 23.45 -21.52
CA SER A 341 -6.56 23.70 -22.65
C SER A 341 -5.19 24.14 -22.13
N ILE A 342 -4.16 23.76 -22.87
CA ILE A 342 -2.75 24.16 -22.61
C ILE A 342 -2.54 25.65 -22.99
N ASN A 343 -3.51 26.30 -23.63
CA ASN A 343 -3.35 27.67 -24.16
C ASN A 343 -3.78 28.72 -23.14
N ASN A 344 -4.48 28.31 -22.05
CA ASN A 344 -5.05 29.24 -21.07
C ASN A 344 -4.01 30.32 -20.83
N SER A 345 -2.78 29.91 -20.48
CA SER A 345 -1.64 30.83 -20.16
C SER A 345 -1.79 31.40 -18.75
N LYS A 346 -3.02 31.79 -18.39
CA LYS A 346 -3.39 32.38 -17.07
C LYS A 346 -3.88 31.25 -16.16
N TYR A 347 -3.47 30.00 -16.41
CA TYR A 347 -3.87 28.84 -15.58
C TYR A 347 -3.04 28.84 -14.29
N ASP A 348 -3.64 29.32 -13.19
CA ASP A 348 -2.96 29.32 -11.86
C ASP A 348 -3.58 28.26 -10.94
N PRO A 349 -2.85 27.15 -10.71
CA PRO A 349 -3.22 26.17 -9.69
C PRO A 349 -3.38 26.70 -8.26
N LYS A 350 -2.62 27.74 -7.91
CA LYS A 350 -2.64 28.33 -6.56
C LYS A 350 -4.01 28.98 -6.32
N THR A 351 -4.50 29.72 -7.32
CA THR A 351 -5.83 30.39 -7.26
C THR A 351 -6.90 29.31 -7.07
N ILE A 352 -6.69 28.16 -7.70
CA ILE A 352 -7.66 27.03 -7.62
C ILE A 352 -7.57 26.40 -6.23
N ILE A 353 -6.38 26.09 -5.73
CA ILE A 353 -6.23 25.47 -4.38
C ILE A 353 -6.93 26.36 -3.35
N ALA A 354 -6.51 27.62 -3.25
CA ALA A 354 -7.09 28.66 -2.37
C ALA A 354 -8.62 28.60 -2.43
N ALA A 355 -9.19 28.82 -3.63
CA ALA A 355 -10.65 28.82 -3.90
C ALA A 355 -11.33 27.51 -3.46
N LEU A 356 -10.62 26.40 -3.34
CA LEU A 356 -11.20 25.10 -2.88
C LEU A 356 -10.93 24.82 -1.40
N THR A 357 -10.18 25.68 -0.70
CA THR A 357 -9.71 25.43 0.70
C THR A 357 -10.69 25.98 1.74
N CYS A 358 -11.25 25.11 2.58
CA CYS A 358 -12.03 25.43 3.83
C CYS A 358 -13.02 26.58 3.60
N LYS A 359 -13.96 26.43 2.66
CA LYS A 359 -15.00 27.46 2.35
C LYS A 359 -16.29 27.09 3.08
N LYS A 360 -16.78 25.90 2.85
CA LYS A 360 -18.04 25.39 3.44
C LYS A 360 -17.69 24.68 4.74
N PRO A 361 -18.46 24.87 5.83
CA PRO A 361 -18.16 24.22 7.10
C PRO A 361 -18.25 22.68 7.06
N ASP A 362 -19.17 22.10 6.26
CA ASP A 362 -19.33 20.63 6.12
C ASP A 362 -18.54 20.11 4.90
N GLN A 363 -17.67 20.93 4.31
CA GLN A 363 -17.03 20.71 2.99
C GLN A 363 -16.53 19.26 2.88
N HIS A 364 -17.07 18.48 1.95
CA HIS A 364 -16.89 17.01 1.92
C HIS A 364 -15.72 16.60 1.02
N PHE A 365 -14.78 17.50 0.76
CA PHE A 365 -13.48 17.14 0.12
C PHE A 365 -12.39 18.06 0.66
N LYS A 366 -11.13 17.82 0.28
CA LYS A 366 -9.98 18.68 0.65
C LYS A 366 -9.01 18.73 -0.52
N PRO A 367 -8.63 19.92 -1.01
CA PRO A 367 -7.63 20.01 -2.09
C PRO A 367 -6.22 19.79 -1.56
N TYR A 368 -5.36 19.21 -2.40
CA TYR A 368 -3.91 19.05 -2.17
C TYR A 368 -3.19 19.25 -3.50
N MET A 369 -2.03 19.88 -3.49
CA MET A 369 -1.03 19.62 -4.56
C MET A 369 -0.55 18.20 -4.27
N LYS A 370 -0.27 17.40 -5.31
CA LYS A 370 0.00 15.94 -5.20
C LYS A 370 1.15 15.70 -4.20
N GLN A 371 2.19 16.54 -4.25
CA GLN A 371 3.39 16.41 -3.37
C GLN A 371 3.01 16.63 -1.90
N HIS A 372 1.81 17.12 -1.59
CA HIS A 372 1.40 17.36 -0.19
C HIS A 372 0.45 16.26 0.28
N LEU A 373 0.02 15.36 -0.61
CA LEU A 373 -0.82 14.21 -0.21
C LEU A 373 -0.08 13.39 0.84
N PRO A 374 -0.78 12.79 1.83
CA PRO A 374 -0.17 11.82 2.73
C PRO A 374 0.74 10.83 1.99
N LYS A 375 1.99 10.68 2.47
CA LYS A 375 3.07 9.92 1.80
C LYS A 375 2.70 8.44 1.69
N ARG A 376 1.84 7.99 2.60
CA ARG A 376 1.35 6.60 2.69
C ARG A 376 0.55 6.20 1.44
N LEU A 377 0.00 7.16 0.69
CA LEU A 377 -0.75 6.89 -0.57
C LEU A 377 0.24 6.68 -1.71
N HIS A 378 1.48 7.17 -1.60
CA HIS A 378 2.51 7.05 -2.65
C HIS A 378 1.90 7.41 -4.01
N TYR A 379 1.15 8.49 -4.07
CA TYR A 379 0.37 8.89 -5.26
C TYR A 379 0.83 10.29 -5.72
N ALA A 380 2.05 10.36 -6.30
CA ALA A 380 2.54 11.67 -6.80
C ALA A 380 3.55 11.51 -7.93
N ASN A 381 4.45 10.52 -7.89
CA ASN A 381 5.61 10.51 -8.82
C ASN A 381 5.18 9.90 -10.16
N ASN A 382 4.38 10.64 -10.93
CA ASN A 382 3.92 10.23 -12.28
C ASN A 382 3.29 11.43 -12.99
N ARG A 383 3.65 11.63 -14.25
CA ARG A 383 3.19 12.77 -15.08
C ARG A 383 1.70 12.65 -15.40
N ARG A 384 1.10 11.48 -15.21
CA ARG A 384 -0.34 11.21 -15.47
C ARG A 384 -1.17 11.54 -14.23
N ILE A 385 -0.52 11.68 -13.07
CA ILE A 385 -1.18 12.22 -11.85
C ILE A 385 -1.14 13.75 -11.94
N GLU A 386 -2.31 14.38 -12.01
CA GLU A 386 -2.47 15.86 -12.12
C GLU A 386 -2.00 16.50 -10.79
N ASP A 387 -1.38 17.68 -10.89
CA ASP A 387 -0.81 18.43 -9.74
C ASP A 387 -1.87 18.62 -8.66
N ILE A 388 -3.09 18.95 -9.08
CA ILE A 388 -4.21 19.25 -8.15
C ILE A 388 -4.97 17.94 -7.90
N HIS A 389 -5.03 17.52 -6.64
CA HIS A 389 -5.78 16.32 -6.20
C HIS A 389 -6.80 16.71 -5.12
N LEU A 390 -8.00 16.14 -5.21
CA LEU A 390 -9.09 16.31 -4.21
C LEU A 390 -9.27 14.98 -3.48
N LEU A 391 -8.95 14.94 -2.19
CA LEU A 391 -9.31 13.76 -1.36
C LEU A 391 -10.78 13.94 -0.98
N VAL A 392 -11.63 13.04 -1.47
CA VAL A 392 -13.10 13.11 -1.24
C VAL A 392 -13.43 12.31 0.01
N ASP A 393 -14.25 12.88 0.90
CA ASP A 393 -14.77 12.14 2.08
C ASP A 393 -15.51 10.91 1.59
N ARG A 394 -15.39 9.83 2.34
CA ARG A 394 -16.19 8.60 2.08
C ARG A 394 -17.66 9.02 2.06
N ARG A 395 -18.45 8.30 1.25
CA ARG A 395 -19.93 8.41 1.08
C ARG A 395 -20.28 9.57 0.14
N TRP A 396 -19.28 10.27 -0.40
CA TRP A 396 -19.47 11.50 -1.21
C TRP A 396 -18.81 11.37 -2.58
N HIS A 397 -19.24 12.22 -3.51
CA HIS A 397 -18.65 12.42 -4.86
C HIS A 397 -18.24 13.89 -5.02
N VAL A 398 -17.32 14.15 -5.95
CA VAL A 398 -17.02 15.51 -6.48
C VAL A 398 -17.26 15.49 -7.99
N ALA A 399 -17.94 16.52 -8.50
CA ALA A 399 -18.16 16.79 -9.94
C ALA A 399 -17.97 18.30 -10.21
N ARG A 400 -17.91 18.67 -11.49
CA ARG A 400 -17.56 20.03 -11.96
C ARG A 400 -18.80 20.92 -11.92
N LYS A 401 -19.95 20.40 -12.33
CA LYS A 401 -21.25 21.14 -12.38
C LYS A 401 -22.41 20.22 -12.02
N PRO A 402 -23.52 20.74 -11.48
CA PRO A 402 -24.69 19.91 -11.20
C PRO A 402 -25.22 19.11 -12.41
N LEU A 403 -25.12 19.64 -13.63
CA LEU A 403 -25.65 19.01 -14.88
C LEU A 403 -24.70 17.93 -15.41
N ASP A 404 -23.57 17.68 -14.72
CA ASP A 404 -22.60 16.59 -15.02
C ASP A 404 -23.08 15.29 -14.38
N VAL A 405 -24.08 15.34 -13.49
CA VAL A 405 -24.77 14.16 -12.92
C VAL A 405 -26.17 14.10 -13.57
N SER A 410 -28.94 12.15 -10.83
CA SER A 410 -30.03 12.67 -11.70
C SER A 410 -31.39 12.08 -11.29
N GLY A 411 -32.17 12.79 -10.46
CA GLY A 411 -33.50 12.33 -9.99
C GLY A 411 -33.33 11.06 -9.18
N LYS A 412 -34.08 9.99 -9.47
CA LYS A 412 -33.72 8.62 -9.00
C LYS A 412 -32.25 8.39 -9.39
N CYS A 413 -31.41 7.88 -8.49
CA CYS A 413 -29.96 7.72 -8.81
C CYS A 413 -29.75 6.39 -9.55
N PHE A 414 -28.73 6.30 -10.42
CA PHE A 414 -28.35 5.08 -11.19
C PHE A 414 -27.40 4.19 -10.36
N PHE A 415 -26.76 4.76 -9.34
CA PHE A 415 -25.79 4.06 -8.44
C PHE A 415 -26.13 4.38 -6.98
N GLN A 416 -25.98 3.38 -6.09
CA GLN A 416 -26.14 3.50 -4.61
C GLN A 416 -24.85 3.10 -3.88
N GLY A 417 -23.82 2.66 -4.62
CA GLY A 417 -22.49 2.36 -4.06
C GLY A 417 -21.38 2.76 -5.00
N ASP A 418 -20.20 3.04 -4.46
CA ASP A 418 -18.98 3.34 -5.25
C ASP A 418 -17.70 3.17 -4.39
N HIS A 419 -16.55 3.45 -4.97
CA HIS A 419 -15.24 3.24 -4.35
C HIS A 419 -14.24 4.11 -5.10
N GLY A 420 -13.03 4.25 -4.57
CA GLY A 420 -11.97 5.13 -5.08
C GLY A 420 -11.36 5.94 -3.95
N PHE A 421 -12.04 5.99 -2.80
CA PHE A 421 -11.58 6.72 -1.59
C PHE A 421 -10.24 6.20 -1.10
N ASP A 422 -9.66 6.97 -0.18
CA ASP A 422 -8.42 6.67 0.60
C ASP A 422 -8.43 5.19 1.02
N ASN A 423 -7.30 4.52 0.80
CA ASN A 423 -7.18 3.04 0.99
C ASN A 423 -7.26 2.66 2.46
N LYS A 424 -7.29 3.63 3.39
CA LYS A 424 -7.37 3.30 4.83
C LYS A 424 -8.83 3.30 5.26
N VAL A 425 -9.76 3.75 4.40
CA VAL A 425 -11.21 3.73 4.75
C VAL A 425 -11.63 2.26 4.89
N ASN A 426 -12.42 1.96 5.92
CA ASN A 426 -12.91 0.59 6.22
C ASN A 426 -13.61 0.02 4.99
N SER A 427 -14.53 0.81 4.42
CA SER A 427 -15.42 0.40 3.32
C SER A 427 -14.60 -0.07 2.13
N MET A 428 -13.37 0.46 1.97
CA MET A 428 -12.48 0.16 0.82
C MET A 428 -11.61 -1.09 1.07
N GLN A 429 -11.65 -1.66 2.28
CA GLN A 429 -10.87 -2.89 2.60
C GLN A 429 -11.47 -4.08 1.81
N THR A 430 -10.62 -5.02 1.38
CA THR A 430 -11.06 -6.21 0.59
C THR A 430 -10.59 -7.51 1.28
N VAL A 431 -10.48 -8.60 0.54
CA VAL A 431 -10.26 -9.96 1.12
C VAL A 431 -8.99 -10.57 0.54
N PHE A 432 -8.48 -11.53 1.30
CA PHE A 432 -7.37 -12.41 0.90
C PHE A 432 -7.61 -13.77 1.53
N VAL A 433 -7.55 -14.81 0.71
CA VAL A 433 -7.52 -16.23 1.13
C VAL A 433 -6.44 -16.93 0.31
N GLY A 434 -5.54 -17.61 0.99
CA GLY A 434 -4.63 -18.63 0.43
C GLY A 434 -5.05 -20.03 0.84
N TYR A 435 -5.24 -20.93 -0.14
CA TYR A 435 -5.56 -22.35 0.14
C TYR A 435 -4.72 -23.25 -0.77
N GLY A 436 -4.15 -24.30 -0.19
CA GLY A 436 -3.33 -25.29 -0.91
C GLY A 436 -2.12 -25.73 -0.08
N PRO A 437 -1.31 -26.62 -0.66
CA PRO A 437 -0.17 -27.20 0.06
C PRO A 437 0.81 -26.17 0.65
N THR A 438 1.20 -25.17 -0.15
CA THR A 438 2.22 -24.15 0.25
C THR A 438 1.65 -23.16 1.27
N PHE A 439 0.32 -23.03 1.39
CA PHE A 439 -0.34 -22.13 2.37
C PHE A 439 -0.50 -22.86 3.70
N LYS A 440 -0.56 -22.10 4.80
CA LYS A 440 -0.79 -22.64 6.15
C LYS A 440 -2.25 -23.07 6.24
N TYR A 441 -2.55 -23.87 7.24
CA TYR A 441 -3.82 -24.59 7.45
C TYR A 441 -4.52 -23.94 8.64
N ARG A 442 -5.75 -23.45 8.47
CA ARG A 442 -6.58 -22.92 9.57
C ARG A 442 -5.78 -21.86 10.33
N THR A 443 -5.25 -20.89 9.58
CA THR A 443 -4.34 -19.84 10.08
C THR A 443 -4.89 -18.45 9.72
N LYS A 444 -5.15 -17.63 10.74
CA LYS A 444 -5.38 -16.17 10.62
C LYS A 444 -4.01 -15.47 10.68
N VAL A 445 -3.76 -14.58 9.73
CA VAL A 445 -2.61 -13.65 9.69
C VAL A 445 -3.17 -12.24 9.79
N PRO A 446 -2.40 -11.24 10.30
CA PRO A 446 -2.86 -9.85 10.34
C PRO A 446 -3.03 -9.25 8.94
N PRO A 447 -3.81 -8.15 8.83
CA PRO A 447 -4.07 -7.52 7.53
C PRO A 447 -2.75 -7.06 6.93
N PHE A 448 -2.67 -6.99 5.61
CA PHE A 448 -1.47 -6.50 4.91
C PHE A 448 -1.90 -5.79 3.63
N GLU A 449 -0.95 -5.20 2.92
CA GLU A 449 -1.23 -4.45 1.68
C GLU A 449 -1.03 -5.37 0.49
N ASN A 450 -1.81 -5.14 -0.57
CA ASN A 450 -1.88 -5.97 -1.79
C ASN A 450 -0.57 -5.82 -2.55
N ILE A 451 0.27 -4.78 -2.26
CA ILE A 451 1.62 -4.60 -2.88
C ILE A 451 2.57 -5.73 -2.46
N GLU A 452 2.28 -6.41 -1.35
CA GLU A 452 3.08 -7.55 -0.87
C GLU A 452 2.84 -8.84 -1.69
N LEU A 453 1.65 -9.05 -2.30
CA LEU A 453 1.27 -10.38 -2.84
C LEU A 453 2.15 -10.80 -4.02
N TYR A 454 2.61 -9.88 -4.88
CA TYR A 454 3.43 -10.24 -6.08
C TYR A 454 4.63 -11.10 -5.67
N ASN A 455 5.25 -10.79 -4.52
CA ASN A 455 6.43 -11.48 -3.96
C ASN A 455 6.03 -12.90 -3.56
N VAL A 456 4.87 -13.06 -2.93
CA VAL A 456 4.35 -14.37 -2.43
C VAL A 456 3.99 -15.28 -3.62
N MET A 457 3.35 -14.71 -4.63
CA MET A 457 2.95 -15.43 -5.85
C MET A 457 4.21 -15.90 -6.59
N CYS A 458 5.24 -15.06 -6.66
CA CYS A 458 6.57 -15.44 -7.19
C CYS A 458 7.18 -16.56 -6.35
N ASP A 459 7.08 -16.47 -5.02
CA ASP A 459 7.57 -17.48 -4.06
C ASP A 459 6.85 -18.79 -4.39
N LEU A 460 5.52 -18.75 -4.50
CA LEU A 460 4.66 -19.94 -4.72
C LEU A 460 5.00 -20.63 -6.03
N LEU A 461 5.59 -19.93 -7.00
CA LEU A 461 5.94 -20.46 -8.35
C LEU A 461 7.46 -20.62 -8.46
N GLY A 462 8.18 -20.50 -7.35
CA GLY A 462 9.64 -20.49 -7.35
C GLY A 462 10.18 -19.55 -8.40
N LEU A 463 9.69 -18.30 -8.43
CA LEU A 463 10.17 -17.20 -9.32
C LEU A 463 10.94 -16.15 -8.52
N LYS A 464 12.01 -15.62 -9.13
CA LYS A 464 12.75 -14.45 -8.62
C LYS A 464 11.95 -13.20 -8.96
N PRO A 465 11.34 -12.49 -7.98
CA PRO A 465 10.52 -11.33 -8.27
C PRO A 465 11.31 -10.24 -9.03
N ALA A 466 10.62 -9.46 -9.86
CA ALA A 466 11.11 -8.18 -10.42
C ALA A 466 11.18 -7.17 -9.27
N PRO A 467 12.13 -6.20 -9.28
CA PRO A 467 12.22 -5.16 -8.25
C PRO A 467 10.87 -4.47 -8.02
N ASN A 468 10.35 -4.49 -6.79
CA ASN A 468 8.96 -4.03 -6.51
C ASN A 468 8.89 -3.37 -5.14
N ASN A 469 7.68 -3.03 -4.71
CA ASN A 469 7.41 -2.21 -3.49
C ASN A 469 6.97 -3.13 -2.35
N GLY A 470 6.74 -4.42 -2.63
CA GLY A 470 6.62 -5.40 -1.55
C GLY A 470 7.85 -5.33 -0.67
N THR A 471 7.74 -5.80 0.57
CA THR A 471 8.89 -6.06 1.45
C THR A 471 9.08 -7.57 1.53
N HIS A 472 10.05 -8.09 0.77
CA HIS A 472 10.19 -9.55 0.51
C HIS A 472 10.61 -10.21 1.82
N GLY A 473 9.75 -11.09 2.32
CA GLY A 473 9.88 -11.78 3.60
C GLY A 473 8.76 -11.42 4.53
N SER A 474 8.12 -10.26 4.31
CA SER A 474 7.15 -9.68 5.27
C SER A 474 5.91 -10.57 5.38
N LEU A 475 5.66 -11.45 4.40
CA LEU A 475 4.46 -12.34 4.42
C LEU A 475 4.86 -13.81 4.55
N ASN A 476 6.14 -14.13 4.77
CA ASN A 476 6.61 -15.52 5.00
C ASN A 476 5.68 -16.28 5.96
N HIS A 477 5.01 -15.61 6.88
CA HIS A 477 4.19 -16.24 7.95
C HIS A 477 2.81 -16.67 7.39
N LEU A 478 2.55 -16.45 6.10
CA LEU A 478 1.38 -16.98 5.33
C LEU A 478 1.65 -18.44 4.92
N LEU A 479 2.92 -18.78 4.63
CA LEU A 479 3.36 -20.02 3.93
C LEU A 479 3.80 -21.05 4.96
N ARG A 480 3.63 -22.34 4.65
CA ARG A 480 4.17 -23.46 5.45
C ARG A 480 5.62 -23.76 5.00
N THR A 481 6.02 -23.35 3.78
CA THR A 481 7.39 -23.57 3.23
C THR A 481 7.88 -22.34 2.46
N ASN A 482 8.99 -21.74 2.93
CA ASN A 482 9.51 -20.40 2.52
C ASN A 482 10.76 -20.54 1.67
N THR A 483 10.62 -20.33 0.36
CA THR A 483 11.77 -20.32 -0.59
C THR A 483 12.63 -19.06 -0.38
N PHE A 484 12.16 -18.07 0.40
CA PHE A 484 12.88 -16.79 0.63
C PHE A 484 13.19 -16.58 2.12
N ARG A 485 14.50 -16.52 2.42
CA ARG A 485 15.08 -16.11 3.72
C ARG A 485 15.62 -14.69 3.57
N PRO A 486 14.92 -13.69 4.13
CA PRO A 486 15.32 -12.30 3.94
C PRO A 486 16.62 -12.05 4.72
N THR A 487 17.51 -11.25 4.13
CA THR A 487 18.84 -10.92 4.69
C THR A 487 18.84 -9.42 5.03
N MET A 488 19.09 -9.10 6.31
CA MET A 488 19.24 -7.72 6.84
C MET A 488 20.35 -7.02 6.06
N PRO A 489 20.10 -5.83 5.47
CA PRO A 489 21.07 -5.20 4.59
C PRO A 489 22.32 -4.67 5.31
N ASP A 490 23.46 -4.71 4.61
CA ASP A 490 24.79 -4.29 5.12
C ASP A 490 24.82 -2.76 5.30
N GLU A 491 25.31 -2.28 6.44
CA GLU A 491 25.52 -0.82 6.68
C GLU A 491 26.63 -0.34 5.73
N VAL A 492 26.39 0.76 5.03
CA VAL A 492 27.31 1.27 3.96
C VAL A 492 28.28 2.25 4.61
N SER A 493 27.76 3.20 5.40
CA SER A 493 28.51 4.26 6.13
C SER A 493 28.58 3.88 7.62
N ARG A 494 29.80 3.77 8.15
CA ARG A 494 30.06 3.56 9.60
C ARG A 494 30.20 4.94 10.27
N PRO A 495 29.65 5.10 11.48
CA PRO A 495 29.68 6.39 12.15
C PRO A 495 31.05 6.73 12.72
N ASN A 496 31.32 8.04 12.88
CA ASN A 496 32.37 8.60 13.76
C ASN A 496 31.78 8.81 15.15
N TYR A 497 32.60 8.59 16.18
CA TYR A 497 32.28 8.81 17.61
C TYR A 497 33.18 9.93 18.13
N PRO A 498 32.92 11.20 17.74
CA PRO A 498 33.81 12.31 18.08
C PRO A 498 33.82 12.66 19.58
N GLY A 499 35.00 12.94 20.13
CA GLY A 499 35.16 13.42 21.52
C GLY A 499 35.02 14.92 21.58
N ILE A 500 35.75 15.56 22.48
CA ILE A 500 35.93 17.05 22.54
C ILE A 500 37.09 17.40 21.61
N MET A 501 36.83 18.01 20.46
CA MET A 501 37.87 18.40 19.47
C MET A 501 37.71 19.85 19.01
N TYR A 502 36.88 20.64 19.69
CA TYR A 502 36.66 22.07 19.36
C TYR A 502 36.26 22.80 20.63
N LEU A 503 36.69 24.05 20.78
CA LEU A 503 36.43 24.86 21.99
C LEU A 503 35.53 26.04 21.62
N GLN A 504 34.57 26.37 22.48
CA GLN A 504 33.56 27.43 22.21
C GLN A 504 34.23 28.53 21.38
N SER A 505 35.37 29.01 21.86
CA SER A 505 36.11 30.18 21.32
C SER A 505 36.10 30.20 19.79
N GLU A 506 36.13 29.04 19.11
CA GLU A 506 36.21 28.97 17.61
C GLU A 506 34.83 28.76 16.98
N PHE A 507 33.73 29.08 17.68
CA PHE A 507 32.34 28.96 17.17
C PHE A 507 31.72 30.36 17.00
N ASP A 508 31.85 30.91 15.79
CA ASP A 508 31.26 32.20 15.37
C ASP A 508 29.88 31.90 14.76
N LEU A 509 28.97 31.31 15.55
CA LEU A 509 27.67 30.82 14.98
C LEU A 509 26.55 31.79 15.35
N GLY A 510 26.88 32.88 16.03
CA GLY A 510 25.90 33.95 16.37
C GLY A 510 24.72 33.35 17.12
N CYS A 511 25.01 32.33 17.92
CA CYS A 511 24.02 31.62 18.76
C CYS A 511 24.32 31.98 20.23
N THR A 512 23.46 32.78 20.84
CA THR A 512 23.51 33.14 22.27
C THR A 512 22.55 32.23 23.04
N CYS A 513 23.02 31.63 24.14
CA CYS A 513 22.17 30.82 25.06
C CYS A 513 21.80 31.62 26.32
N ASP A 514 22.79 32.33 26.88
CA ASP A 514 22.65 33.16 28.11
C ASP A 514 23.25 34.54 27.82
N ASP A 515 32.86 28.93 37.25
CA ASP A 515 33.37 27.64 37.78
C ASP A 515 33.92 26.82 36.61
N ASP A 525 34.87 25.90 36.85
CA ASP A 525 35.52 25.02 35.84
C ASP A 525 35.40 23.54 36.26
N LEU A 526 34.35 23.18 37.01
CA LEU A 526 34.13 21.82 37.56
C LEU A 526 32.88 21.21 36.93
N ASN A 527 32.12 22.03 36.21
CA ASN A 527 30.98 21.59 35.39
C ASN A 527 31.29 21.84 33.91
N LYS A 528 31.81 20.83 33.20
CA LYS A 528 31.98 20.84 31.73
C LYS A 528 30.78 20.07 31.17
N ARG A 529 30.88 19.47 29.98
CA ARG A 529 29.95 18.40 29.54
C ARG A 529 30.78 17.09 29.53
N LEU A 530 30.14 15.92 29.54
CA LEU A 530 30.84 14.62 29.31
C LEU A 530 29.92 13.67 28.51
N HIS A 531 30.37 12.41 28.32
CA HIS A 531 29.66 11.36 27.54
C HIS A 531 29.72 10.06 28.34
N THR A 532 28.81 9.11 28.07
CA THR A 532 28.70 7.80 28.80
C THR A 532 27.74 6.85 28.05
N LYS A 533 28.28 6.00 27.17
CA LYS A 533 27.52 5.07 26.28
C LYS A 533 26.55 4.20 27.10
N GLY A 534 26.95 3.84 28.31
CA GLY A 534 26.12 3.07 29.26
C GLY A 534 24.84 3.81 29.61
N SER A 535 23.72 3.08 29.65
CA SER A 535 22.37 3.57 30.03
C SER A 535 21.83 4.58 29.01
N THR A 536 22.50 4.76 27.86
CA THR A 536 22.11 5.74 26.79
C THR A 536 21.90 4.99 25.47
N LYS A 537 22.92 4.28 24.98
CA LYS A 537 22.79 3.21 23.97
C LYS A 537 21.71 2.25 24.47
N GLU A 538 21.92 1.72 25.68
CA GLU A 538 21.09 0.65 26.29
C GLU A 538 19.66 1.15 26.43
N ARG A 539 19.50 2.39 26.93
CA ARG A 539 18.18 2.90 27.38
C ARG A 539 17.47 3.60 26.22
N HIS A 540 18.20 4.28 25.34
CA HIS A 540 17.61 5.13 24.26
C HIS A 540 17.74 4.48 22.87
N LEU A 541 18.47 3.39 22.71
CA LEU A 541 18.37 2.51 21.50
C LEU A 541 17.94 1.11 21.95
N LEU A 542 16.64 0.91 22.22
CA LEU A 542 16.07 -0.37 22.70
C LEU A 542 16.30 -1.45 21.64
N TYR A 543 16.30 -1.07 20.37
CA TYR A 543 16.24 -1.94 19.16
C TYR A 543 17.45 -1.63 18.27
N GLY A 544 18.55 -1.27 18.93
CA GLY A 544 19.85 -1.02 18.28
C GLY A 544 19.93 0.34 17.59
N ARG A 545 21.00 0.46 16.80
CA ARG A 545 21.40 1.69 16.08
C ARG A 545 20.97 1.56 14.63
N PRO A 546 20.09 2.44 14.12
CA PRO A 546 19.79 2.46 12.69
C PRO A 546 21.07 2.44 11.84
N ALA A 547 21.03 1.74 10.71
CA ALA A 547 22.16 1.62 9.77
C ALA A 547 21.92 2.60 8.63
N VAL A 548 23.01 3.13 8.08
CA VAL A 548 22.96 4.17 7.01
C VAL A 548 23.39 3.51 5.70
N LEU A 549 22.41 3.26 4.83
CA LEU A 549 22.55 2.39 3.63
C LEU A 549 22.98 3.22 2.42
N TYR A 550 23.60 4.39 2.63
CA TYR A 550 24.19 5.22 1.56
C TYR A 550 25.50 5.84 2.03
N ARG A 551 26.38 6.20 1.10
CA ARG A 551 27.69 6.82 1.41
C ARG A 551 27.43 8.22 1.96
N THR A 552 27.76 8.47 3.24
CA THR A 552 27.72 9.82 3.83
C THR A 552 28.62 9.91 5.07
N SER A 553 28.96 11.14 5.47
CA SER A 553 29.70 11.50 6.71
C SER A 553 28.71 11.87 7.83
N TYR A 554 28.75 11.15 8.96
CA TYR A 554 27.89 11.38 10.15
C TYR A 554 28.63 10.93 11.44
N ASP A 555 28.08 11.35 12.59
CA ASP A 555 28.73 11.24 13.92
C ASP A 555 27.69 10.83 14.97
N ILE A 556 27.88 9.71 15.69
CA ILE A 556 26.98 9.32 16.81
C ILE A 556 27.27 10.31 17.94
N LEU A 557 26.23 10.85 18.55
CA LEU A 557 26.36 11.76 19.73
C LEU A 557 25.53 11.16 20.86
N TYR A 558 26.14 11.06 22.04
CA TYR A 558 25.49 10.60 23.29
C TYR A 558 25.05 11.82 24.10
N HIS A 559 23.97 11.65 24.86
CA HIS A 559 23.44 12.56 25.89
C HIS A 559 22.70 11.71 26.91
N THR A 560 22.43 12.23 28.10
CA THR A 560 21.64 11.56 29.17
C THR A 560 20.26 11.13 28.64
N ASP A 561 19.56 11.96 27.86
CA ASP A 561 18.10 11.79 27.60
C ASP A 561 17.83 11.32 26.17
N PHE A 562 18.87 11.28 25.32
CA PHE A 562 18.72 10.93 23.88
C PHE A 562 20.08 10.64 23.26
N GLU A 563 20.04 9.84 22.19
CA GLU A 563 21.17 9.57 21.25
C GLU A 563 20.71 9.92 19.83
N SER A 564 21.66 10.30 18.97
CA SER A 564 21.37 10.77 17.60
C SER A 564 22.56 10.46 16.68
N GLY A 565 22.28 10.24 15.39
CA GLY A 565 23.29 10.22 14.31
C GLY A 565 23.24 11.53 13.54
N TYR A 566 24.21 12.42 13.77
CA TYR A 566 24.25 13.78 13.18
C TYR A 566 24.95 13.67 11.82
N SER A 567 24.31 14.18 10.77
CA SER A 567 24.89 14.28 9.41
C SER A 567 25.75 15.54 9.28
N GLU A 568 26.99 15.40 8.84
CA GLU A 568 27.92 16.53 8.57
C GLU A 568 27.57 17.18 7.23
N ILE A 569 26.88 16.46 6.35
CA ILE A 569 26.42 16.96 5.03
C ILE A 569 25.18 17.84 5.23
N PHE A 570 24.17 17.34 5.93
CA PHE A 570 22.84 18.01 6.06
C PHE A 570 22.82 18.91 7.31
N LEU A 571 23.85 18.84 8.16
CA LEU A 571 24.07 19.75 9.33
C LEU A 571 22.93 19.59 10.34
N MET A 572 22.40 18.37 10.47
CA MET A 572 21.32 18.05 11.46
C MET A 572 21.26 16.54 11.63
N PRO A 573 20.65 16.01 12.71
CA PRO A 573 20.56 14.57 12.90
C PRO A 573 19.73 13.90 11.80
N LEU A 574 20.21 12.79 11.22
CA LEU A 574 19.40 11.90 10.36
C LEU A 574 18.31 11.28 11.23
N TRP A 575 18.70 10.91 12.46
CA TRP A 575 17.77 10.35 13.47
C TRP A 575 18.13 10.87 14.86
N THR A 576 17.20 10.70 15.79
CA THR A 576 17.37 11.05 17.21
C THR A 576 16.46 10.09 17.97
N SER A 577 17.00 9.23 18.84
CA SER A 577 16.18 8.22 19.55
C SER A 577 16.26 8.45 21.05
N TYR A 578 15.13 8.27 21.72
CA TYR A 578 14.96 8.53 23.17
C TYR A 578 13.75 7.74 23.68
N THR A 579 13.74 7.47 24.98
CA THR A 579 12.76 6.60 25.64
C THR A 579 12.15 7.38 26.80
N ILE A 580 10.86 7.67 26.70
CA ILE A 580 10.07 8.25 27.82
C ILE A 580 9.33 7.08 28.47
N SER A 581 9.64 6.79 29.73
CA SER A 581 8.86 5.82 30.53
C SER A 581 7.55 6.48 30.95
N LYS A 582 6.63 5.62 31.43
CA LYS A 582 5.30 5.98 32.00
C LYS A 582 5.45 7.07 33.08
N GLN A 583 6.50 7.00 33.90
CA GLN A 583 6.62 7.81 35.14
C GLN A 583 7.39 9.12 34.86
N ALA A 584 7.87 9.33 33.63
CA ALA A 584 8.71 10.50 33.26
C ALA A 584 7.85 11.77 33.30
N GLU A 585 8.42 12.87 33.81
CA GLU A 585 7.73 14.17 33.98
C GLU A 585 7.82 14.97 32.66
N VAL A 586 6.80 15.80 32.38
CA VAL A 586 6.83 16.88 31.34
C VAL A 586 7.17 18.19 32.05
N SER A 587 8.39 18.69 31.83
CA SER A 587 8.85 19.99 32.36
C SER A 587 8.55 21.08 31.33
N SER A 588 8.91 22.33 31.64
CA SER A 588 8.63 23.53 30.81
C SER A 588 9.95 24.07 30.25
N ILE A 589 9.90 24.76 29.11
CA ILE A 589 11.07 25.52 28.59
C ILE A 589 11.18 26.83 29.37
N PRO A 590 12.15 26.96 30.30
CA PRO A 590 12.34 28.17 31.09
C PRO A 590 12.51 29.38 30.17
N GLU A 591 11.99 30.55 30.58
CA GLU A 591 11.96 31.75 29.68
CA GLU A 591 11.96 31.78 29.73
C GLU A 591 13.40 32.25 29.50
N HIS A 592 14.31 31.90 30.42
CA HIS A 592 15.75 32.26 30.38
C HIS A 592 16.51 31.26 29.47
N LEU A 593 15.81 30.30 28.87
CA LEU A 593 16.40 29.35 27.88
C LEU A 593 15.51 29.22 26.63
N THR A 594 14.53 30.11 26.40
CA THR A 594 13.61 30.00 25.23
C THR A 594 14.43 30.11 23.93
N ASN A 595 15.37 31.09 23.89
CA ASN A 595 16.18 31.49 22.72
C ASN A 595 17.56 30.83 22.79
N CYS A 596 17.73 29.94 23.79
CA CYS A 596 19.03 29.28 24.10
C CYS A 596 19.35 28.23 23.00
N VAL A 597 20.53 28.38 22.39
CA VAL A 597 21.14 27.43 21.43
C VAL A 597 22.66 27.41 21.69
N ARG A 598 23.17 26.30 22.24
CA ARG A 598 24.59 26.13 22.66
C ARG A 598 25.37 25.39 21.58
N PRO A 599 26.63 25.80 21.28
CA PRO A 599 27.44 25.12 20.25
C PRO A 599 27.82 23.71 20.72
N ASP A 600 28.10 22.78 19.80
CA ASP A 600 28.48 21.39 20.16
C ASP A 600 29.95 21.18 19.85
N VAL A 601 30.78 21.12 20.91
CA VAL A 601 32.27 21.06 20.84
C VAL A 601 32.73 19.81 20.09
N ARG A 602 31.88 18.77 20.02
CA ARG A 602 32.19 17.45 19.38
C ARG A 602 32.15 17.60 17.86
N VAL A 603 31.44 18.61 17.36
CA VAL A 603 31.19 18.88 15.91
C VAL A 603 31.81 20.23 15.54
N SER A 604 32.47 20.31 14.38
CA SER A 604 33.25 21.49 13.92
C SER A 604 32.32 22.65 13.62
N PRO A 605 32.83 23.90 13.64
CA PRO A 605 32.06 25.07 13.23
C PRO A 605 31.50 24.89 11.81
N GLY A 606 32.36 24.47 10.87
CA GLY A 606 32.04 24.29 9.44
C GLY A 606 31.07 23.14 9.17
N PHE A 607 30.90 22.19 10.10
CA PHE A 607 29.90 21.10 9.98
C PHE A 607 28.78 21.34 11.00
N SER A 608 28.54 22.62 11.33
CA SER A 608 27.50 23.09 12.29
C SER A 608 26.66 24.25 11.71
N GLN A 609 25.35 24.27 12.02
CA GLN A 609 24.40 25.32 11.53
C GLN A 609 24.52 26.54 12.45
N ASN A 610 23.98 27.69 12.04
CA ASN A 610 24.18 29.00 12.74
C ASN A 610 22.81 29.67 13.00
N CYS A 611 22.73 30.46 14.06
CA CYS A 611 21.53 31.27 14.46
C CYS A 611 21.33 32.47 13.54
N LEU A 612 22.43 33.06 13.06
CA LEU A 612 22.45 34.14 12.04
C LEU A 612 21.38 33.86 10.97
N ALA A 613 21.40 32.70 10.31
CA ALA A 613 20.49 32.41 9.17
C ALA A 613 19.03 32.45 9.64
N TYR A 614 18.72 31.90 10.82
CA TYR A 614 17.34 31.76 11.33
C TYR A 614 16.71 33.12 11.65
N LYS A 615 17.55 34.13 11.88
CA LYS A 615 17.14 35.54 12.09
C LYS A 615 16.91 36.16 10.70
N ASN A 616 17.93 36.12 9.83
CA ASN A 616 17.86 36.66 8.45
C ASN A 616 16.75 35.96 7.64
N ASP A 617 16.39 34.71 8.00
CA ASP A 617 15.21 34.05 7.38
C ASP A 617 13.94 34.36 8.17
N LYS A 618 13.13 35.30 7.63
N LYS A 618 13.14 35.29 7.63
CA LYS A 618 11.97 35.89 8.32
CA LYS A 618 11.97 35.89 8.32
C LYS A 618 10.79 34.91 8.31
C LYS A 618 10.79 34.91 8.31
N GLN A 619 10.86 33.85 7.50
CA GLN A 619 9.80 32.81 7.35
C GLN A 619 10.19 31.57 8.16
N MET A 620 11.49 31.37 8.44
CA MET A 620 12.02 30.11 9.05
C MET A 620 12.44 30.38 10.49
N SER A 621 11.95 29.56 11.41
CA SER A 621 12.44 29.44 12.80
C SER A 621 13.09 28.05 12.92
N TYR A 622 13.08 27.46 14.11
CA TYR A 622 13.76 26.17 14.41
C TYR A 622 12.97 25.48 15.52
N GLY A 623 13.23 24.18 15.67
CA GLY A 623 12.69 23.33 16.73
C GLY A 623 13.82 22.39 17.15
N PHE A 624 13.47 21.48 18.09
CA PHE A 624 14.41 20.42 18.52
C PHE A 624 13.83 19.03 18.22
N LEU A 625 14.69 18.09 17.82
CA LEU A 625 14.32 16.65 17.66
C LEU A 625 14.09 15.99 19.03
N PHE A 626 15.06 15.97 19.94
CA PHE A 626 14.75 15.64 21.35
C PHE A 626 14.12 16.87 22.01
N PRO A 627 12.89 16.76 22.58
CA PRO A 627 12.22 17.90 23.19
C PRO A 627 12.88 18.35 24.50
N PRO A 628 13.15 19.65 24.68
CA PRO A 628 13.54 20.15 26.00
C PRO A 628 12.51 19.81 27.09
N TYR A 629 11.22 19.64 26.72
CA TYR A 629 10.08 19.42 27.66
C TYR A 629 10.21 18.11 28.44
N LEU A 630 10.87 17.10 27.86
CA LEU A 630 10.95 15.73 28.44
C LEU A 630 12.36 15.49 29.01
N SER A 631 13.11 16.55 29.30
CA SER A 631 14.44 16.45 29.98
C SER A 631 14.26 15.80 31.35
N SER A 632 15.18 14.92 31.75
CA SER A 632 15.07 14.10 32.99
C SER A 632 15.58 14.88 34.20
N SER A 633 16.28 15.99 33.93
CA SER A 633 16.87 16.90 34.96
C SER A 633 17.01 18.28 34.34
N PRO A 634 17.05 19.35 35.15
CA PRO A 634 17.39 20.68 34.65
C PRO A 634 18.75 20.72 33.93
N GLU A 635 19.73 20.00 34.47
CA GLU A 635 21.12 19.94 33.93
C GLU A 635 21.09 19.30 32.55
N ALA A 636 20.23 18.30 32.38
CA ALA A 636 20.11 17.55 31.12
C ALA A 636 19.46 18.48 30.08
N LYS A 637 18.41 19.19 30.48
CA LYS A 637 17.68 20.15 29.58
C LYS A 637 18.70 20.92 28.71
N TYR A 638 19.91 21.14 29.20
CA TYR A 638 20.92 21.96 28.48
C TYR A 638 21.38 21.26 27.19
N ASP A 639 21.34 19.93 27.17
CA ASP A 639 21.77 19.13 25.99
C ASP A 639 20.71 19.21 24.89
N ALA A 640 19.46 19.44 25.26
CA ALA A 640 18.36 19.64 24.30
C ALA A 640 18.58 20.91 23.46
N PHE A 641 19.20 21.95 24.03
CA PHE A 641 19.37 23.25 23.34
C PHE A 641 20.69 23.25 22.55
N LEU A 642 21.31 22.08 22.37
CA LEU A 642 22.53 21.96 21.53
C LEU A 642 22.16 22.21 20.07
N VAL A 643 23.02 22.95 19.36
CA VAL A 643 22.91 23.27 17.91
C VAL A 643 22.82 21.98 17.07
N THR A 644 23.28 20.82 17.59
CA THR A 644 23.28 19.48 16.91
C THR A 644 21.99 18.68 17.17
N ASN A 645 20.99 19.30 17.80
CA ASN A 645 19.62 18.77 18.05
C ASN A 645 18.60 19.70 17.36
N MET A 646 19.07 20.61 16.50
CA MET A 646 18.28 21.77 16.02
C MET A 646 17.93 21.52 14.57
N VAL A 647 16.68 21.80 14.20
CA VAL A 647 16.16 21.58 12.81
C VAL A 647 15.32 22.78 12.38
N PRO A 648 15.39 23.19 11.09
CA PRO A 648 14.57 24.28 10.59
C PRO A 648 13.09 23.90 10.66
N MET A 649 12.29 24.79 11.23
CA MET A 649 10.81 24.62 11.32
C MET A 649 10.12 25.96 11.13
N TYR A 650 9.10 25.96 10.25
CA TYR A 650 8.10 27.04 10.07
C TYR A 650 7.33 27.21 11.38
N PRO A 651 7.02 28.46 11.79
CA PRO A 651 6.19 28.70 12.97
C PRO A 651 4.77 28.09 12.91
N ALA A 652 4.23 27.91 11.67
CA ALA A 652 2.99 27.15 11.42
C ALA A 652 3.21 25.72 11.97
N PHE A 653 4.36 25.13 11.59
CA PHE A 653 4.69 23.70 11.87
C PHE A 653 5.04 23.48 13.34
N LYS A 654 5.70 24.48 13.95
CA LYS A 654 6.08 24.44 15.37
C LYS A 654 4.84 24.16 16.23
N ARG A 655 3.70 24.73 15.86
CA ARG A 655 2.41 24.51 16.58
C ARG A 655 2.08 23.01 16.58
N VAL A 656 2.32 22.31 15.49
CA VAL A 656 1.97 20.85 15.42
C VAL A 656 3.02 20.10 16.22
N TRP A 657 4.29 20.42 15.96
CA TRP A 657 5.47 19.77 16.61
C TRP A 657 5.42 19.97 18.13
N ALA A 658 5.23 21.21 18.59
CA ALA A 658 5.20 21.58 20.02
C ALA A 658 4.21 20.69 20.78
N TYR A 659 3.02 20.50 20.23
CA TYR A 659 1.91 19.74 20.87
C TYR A 659 2.30 18.25 20.87
N PHE A 660 2.82 17.75 19.75
CA PHE A 660 3.34 16.36 19.67
C PHE A 660 4.33 16.13 20.82
N GLN A 661 5.29 17.05 20.97
CA GLN A 661 6.41 16.92 21.94
C GLN A 661 5.93 17.15 23.37
N ARG A 662 5.28 18.31 23.61
CA ARG A 662 4.84 18.76 24.96
C ARG A 662 3.75 17.81 25.50
N VAL A 663 2.76 17.42 24.69
CA VAL A 663 1.51 16.73 25.17
C VAL A 663 1.48 15.26 24.75
N LEU A 664 1.61 14.94 23.46
CA LEU A 664 1.21 13.61 22.94
C LEU A 664 2.22 12.53 23.35
N VAL A 665 3.52 12.82 23.34
CA VAL A 665 4.57 11.79 23.59
C VAL A 665 4.36 11.25 25.00
N LYS A 666 4.15 12.12 25.98
CA LYS A 666 3.85 11.73 27.38
C LYS A 666 2.52 10.94 27.41
N LYS A 667 1.54 11.33 26.58
CA LYS A 667 0.22 10.67 26.50
C LYS A 667 0.39 9.22 26.02
N TYR A 668 1.24 9.00 25.01
CA TYR A 668 1.50 7.65 24.45
C TYR A 668 2.23 6.83 25.52
N ALA A 669 3.30 7.41 26.09
CA ALA A 669 4.11 6.80 27.17
C ALA A 669 3.17 6.31 28.27
N SER A 670 2.17 7.11 28.62
CA SER A 670 1.18 6.81 29.69
C SER A 670 0.28 5.64 29.26
N GLU A 671 -0.10 5.60 27.98
CA GLU A 671 -1.12 4.65 27.48
C GLU A 671 -0.46 3.31 27.13
N ARG A 672 0.76 3.34 26.60
CA ARG A 672 1.48 2.14 26.11
C ARG A 672 2.56 1.69 27.11
N ASN A 673 2.59 2.28 28.31
CA ASN A 673 3.52 1.91 29.41
C ASN A 673 4.96 2.13 28.92
N GLY A 674 5.26 3.39 28.59
CA GLY A 674 6.55 3.83 28.04
C GLY A 674 6.55 3.65 26.54
N VAL A 675 7.29 4.52 25.84
CA VAL A 675 7.50 4.45 24.37
C VAL A 675 8.95 4.81 24.09
N ASN A 676 9.54 4.16 23.09
CA ASN A 676 10.78 4.62 22.43
C ASN A 676 10.36 5.44 21.22
N VAL A 677 11.06 6.54 20.98
CA VAL A 677 10.74 7.53 19.91
C VAL A 677 12.00 7.71 19.09
N ILE A 678 11.90 7.54 17.77
CA ILE A 678 12.96 7.93 16.82
C ILE A 678 12.36 8.97 15.87
N SER A 679 12.83 10.21 15.97
CA SER A 679 12.35 11.35 15.15
C SER A 679 13.49 11.84 14.27
N GLY A 680 13.18 12.47 13.15
CA GLY A 680 14.21 13.03 12.26
C GLY A 680 13.61 13.74 11.06
N PRO A 681 14.46 14.42 10.26
CA PRO A 681 13.98 15.08 9.05
C PRO A 681 13.79 14.07 7.91
N ILE A 682 12.97 14.44 6.94
CA ILE A 682 12.94 13.81 5.59
C ILE A 682 13.10 14.95 4.58
N PHE A 683 13.76 14.65 3.46
CA PHE A 683 13.87 15.51 2.25
C PHE A 683 13.37 14.75 1.00
N ASP A 684 12.28 15.22 0.40
CA ASP A 684 11.72 14.62 -0.84
C ASP A 684 11.18 15.71 -1.77
N TYR A 685 12.08 16.55 -2.31
CA TYR A 685 11.71 17.69 -3.19
C TYR A 685 11.11 17.13 -4.49
N ASN A 686 11.61 15.99 -5.01
CA ASN A 686 11.15 15.42 -6.32
C ASN A 686 10.00 14.43 -6.11
N TYR A 687 9.57 14.27 -4.85
CA TYR A 687 8.34 13.57 -4.39
C TYR A 687 8.26 12.16 -5.02
N ASP A 688 9.34 11.40 -4.92
CA ASP A 688 9.45 10.03 -5.47
C ASP A 688 9.44 9.00 -4.31
N GLY A 689 9.13 9.42 -3.09
CA GLY A 689 9.10 8.56 -1.88
C GLY A 689 10.48 8.09 -1.44
N LEU A 690 11.53 8.59 -2.11
CA LEU A 690 12.94 8.18 -1.90
C LEU A 690 13.75 9.35 -1.33
N ARG A 691 14.63 9.05 -0.36
CA ARG A 691 15.68 9.97 0.14
C ARG A 691 16.27 10.78 -1.02
N ASP A 692 16.17 12.12 -0.91
CA ASP A 692 16.85 13.10 -1.80
C ASP A 692 18.35 13.06 -1.56
N THR A 693 19.14 13.15 -2.63
CA THR A 693 20.59 13.50 -2.55
C THR A 693 20.71 15.02 -2.36
N GLU A 694 21.91 15.47 -1.97
CA GLU A 694 22.30 16.89 -1.84
C GLU A 694 21.79 17.67 -3.07
N ASP A 695 22.08 17.15 -4.26
CA ASP A 695 21.84 17.78 -5.58
C ASP A 695 20.34 18.05 -5.79
N GLU A 696 19.48 17.36 -5.04
CA GLU A 696 18.00 17.37 -5.28
C GLU A 696 17.30 18.33 -4.32
N ILE A 697 18.00 18.78 -3.27
CA ILE A 697 17.41 19.71 -2.27
C ILE A 697 17.27 21.09 -2.93
N LYS A 698 16.05 21.64 -2.96
CA LYS A 698 15.69 22.85 -3.76
C LYS A 698 15.43 24.06 -2.86
N GLN A 699 15.53 23.89 -1.54
CA GLN A 699 15.30 24.99 -0.58
C GLN A 699 16.19 24.82 0.65
N TYR A 700 16.87 25.90 1.03
CA TYR A 700 17.71 26.02 2.24
C TYR A 700 17.27 27.28 3.02
N VAL A 701 17.69 27.40 4.27
CA VAL A 701 17.46 28.62 5.10
C VAL A 701 18.13 29.79 4.36
N GLU A 702 17.45 30.93 4.30
CA GLU A 702 17.96 32.19 3.65
C GLU A 702 19.47 32.33 3.90
N GLY A 703 20.25 32.46 2.82
CA GLY A 703 21.70 32.71 2.84
C GLY A 703 22.47 31.66 3.63
N SER A 704 22.03 30.40 3.61
CA SER A 704 22.68 29.31 4.38
C SER A 704 22.81 28.07 3.53
N SER A 705 23.58 27.10 4.01
CA SER A 705 23.61 25.75 3.40
C SER A 705 22.77 24.79 4.25
N ILE A 706 21.85 25.31 5.07
CA ILE A 706 20.96 24.47 5.92
C ILE A 706 19.76 24.07 5.06
N PRO A 707 19.61 22.77 4.72
CA PRO A 707 18.51 22.33 3.88
C PRO A 707 17.20 22.20 4.68
N VAL A 708 16.07 22.44 4.01
CA VAL A 708 14.72 22.46 4.61
C VAL A 708 14.04 21.11 4.41
N PRO A 709 13.81 20.35 5.50
CA PRO A 709 12.97 19.15 5.41
C PRO A 709 11.60 19.45 4.78
N THR A 710 11.15 18.55 3.90
CA THR A 710 9.78 18.54 3.32
C THR A 710 8.82 17.79 4.28
N HIS A 711 9.39 16.98 5.18
CA HIS A 711 8.63 16.21 6.19
C HIS A 711 9.49 15.98 7.42
N TYR A 712 8.83 15.65 8.52
CA TYR A 712 9.46 15.15 9.76
C TYR A 712 8.74 13.86 10.15
N TYR A 713 9.51 12.83 10.47
CA TYR A 713 9.02 11.49 10.86
C TYR A 713 9.17 11.33 12.36
N SER A 714 8.40 10.39 12.91
CA SER A 714 8.60 9.85 14.28
C SER A 714 8.11 8.41 14.28
N ILE A 715 8.98 7.47 14.71
CA ILE A 715 8.63 6.06 14.95
C ILE A 715 8.49 5.87 16.45
N ILE A 716 7.35 5.33 16.90
CA ILE A 716 6.99 5.28 18.34
C ILE A 716 6.70 3.83 18.72
N THR A 717 7.73 3.14 19.24
CA THR A 717 7.70 1.69 19.53
C THR A 717 7.39 1.45 21.01
N SER A 718 6.78 0.31 21.30
CA SER A 718 6.56 -0.16 22.70
C SER A 718 6.35 -1.67 22.68
N CYS A 719 5.97 -2.24 23.81
CA CYS A 719 5.69 -3.70 23.96
C CYS A 719 4.21 -3.96 23.66
N LEU A 720 3.92 -4.71 22.60
CA LEU A 720 2.54 -5.20 22.26
C LEU A 720 1.85 -5.66 23.55
N ASP A 721 2.62 -6.39 24.39
CA ASP A 721 2.24 -6.72 25.78
C ASP A 721 2.50 -5.48 26.64
N PHE A 722 1.49 -4.60 26.70
CA PHE A 722 1.46 -3.29 27.37
C PHE A 722 1.73 -3.42 28.88
N THR A 723 1.62 -4.63 29.46
CA THR A 723 1.92 -4.87 30.89
C THR A 723 3.43 -4.86 31.14
N GLN A 724 4.23 -5.36 30.20
CA GLN A 724 5.72 -5.28 30.27
C GLN A 724 6.12 -3.88 29.80
N PRO A 725 7.05 -3.19 30.51
CA PRO A 725 7.52 -1.85 30.10
C PRO A 725 8.33 -1.86 28.81
N ALA A 726 8.53 -0.70 28.20
CA ALA A 726 9.09 -0.53 26.85
C ALA A 726 10.54 -1.01 26.83
N ASP A 727 11.31 -0.61 27.85
CA ASP A 727 12.78 -0.81 27.91
C ASP A 727 13.13 -2.21 28.44
N LYS A 728 12.11 -3.06 28.67
CA LYS A 728 12.28 -4.48 29.12
C LYS A 728 11.08 -5.30 28.65
N CYS A 729 10.96 -5.46 27.33
CA CYS A 729 9.87 -6.18 26.63
C CYS A 729 10.43 -7.53 26.16
N ASP A 730 9.93 -8.63 26.73
CA ASP A 730 10.35 -10.03 26.41
C ASP A 730 9.78 -10.50 25.07
N GLY A 731 8.80 -9.79 24.48
CA GLY A 731 7.92 -10.34 23.43
C GLY A 731 7.78 -9.42 22.21
N PRO A 732 6.70 -9.58 21.43
CA PRO A 732 6.48 -8.77 20.22
C PRO A 732 6.33 -7.27 20.50
N LEU A 733 6.65 -6.45 19.51
CA LEU A 733 6.66 -4.96 19.56
C LEU A 733 5.38 -4.39 18.95
N SER A 734 4.97 -3.22 19.44
CA SER A 734 3.87 -2.38 18.89
C SER A 734 4.47 -1.06 18.39
N VAL A 735 4.08 -0.65 17.17
CA VAL A 735 4.61 0.56 16.49
C VAL A 735 3.45 1.42 15.95
N SER A 736 3.61 2.74 16.06
CA SER A 736 2.92 3.79 15.26
C SER A 736 4.00 4.68 14.64
N SER A 737 3.78 5.19 13.43
CA SER A 737 4.70 6.17 12.78
C SER A 737 3.94 7.29 12.07
N PHE A 738 4.64 8.40 11.84
CA PHE A 738 4.09 9.61 11.17
C PHE A 738 5.16 10.18 10.22
N ILE A 739 4.70 10.73 9.08
CA ILE A 739 5.52 11.58 8.17
C ILE A 739 4.78 12.90 7.97
N LEU A 740 4.90 13.82 8.93
CA LEU A 740 4.23 15.13 8.90
C LEU A 740 4.86 16.00 7.81
N PRO A 741 4.04 16.56 6.89
CA PRO A 741 4.54 17.55 5.94
C PRO A 741 4.92 18.84 6.69
N HIS A 742 6.06 19.40 6.31
CA HIS A 742 6.66 20.62 6.88
C HIS A 742 6.21 21.78 6.00
N ARG A 743 4.99 22.26 6.23
CA ARG A 743 4.38 23.31 5.40
C ARG A 743 4.34 24.60 6.19
N PRO A 744 4.54 25.76 5.53
CA PRO A 744 4.57 27.04 6.22
C PRO A 744 3.19 27.52 6.69
N ASP A 745 2.13 26.75 6.45
CA ASP A 745 0.77 27.12 6.87
C ASP A 745 0.07 25.87 7.39
N ASN A 746 -1.13 26.05 7.95
CA ASN A 746 -1.98 24.93 8.42
C ASN A 746 -3.29 24.96 7.62
N ASP A 747 -3.20 25.25 6.33
CA ASP A 747 -4.37 25.34 5.42
C ASP A 747 -5.05 23.95 5.33
N GLU A 748 -4.26 22.89 5.24
CA GLU A 748 -4.73 21.49 5.36
C GLU A 748 -5.67 21.33 6.55
N SER A 749 -5.45 22.05 7.66
CA SER A 749 -6.24 21.88 8.89
C SER A 749 -7.25 23.04 8.98
N CYS A 750 -8.52 22.73 8.70
CA CYS A 750 -9.60 23.73 8.61
C CYS A 750 -9.90 24.32 10.00
N ALA A 751 -9.46 23.68 11.09
CA ALA A 751 -9.68 24.12 12.50
C ALA A 751 -8.34 24.54 13.14
N SER A 752 -7.37 24.99 12.35
CA SER A 752 -6.04 25.45 12.81
C SER A 752 -6.17 26.76 13.60
N SER A 753 -7.32 27.44 13.52
CA SER A 753 -7.62 28.65 14.33
C SER A 753 -7.74 28.25 15.80
N GLU A 754 -8.17 27.03 16.07
CA GLU A 754 -8.47 26.58 17.45
C GLU A 754 -7.19 26.07 18.10
N ASP A 755 -7.31 25.57 19.33
CA ASP A 755 -6.20 25.01 20.13
C ASP A 755 -5.72 23.72 19.46
N GLU A 756 -4.40 23.48 19.53
CA GLU A 756 -3.72 22.32 18.93
C GLU A 756 -4.40 21.02 19.39
N SER A 757 -5.24 21.11 20.42
CA SER A 757 -6.01 19.99 21.03
C SER A 757 -7.23 19.65 20.17
N LYS A 758 -7.53 20.46 19.16
CA LYS A 758 -8.78 20.29 18.34
C LYS A 758 -8.43 19.85 16.91
N TRP A 759 -7.18 19.90 16.48
CA TRP A 759 -6.82 19.68 15.05
C TRP A 759 -5.52 18.92 14.79
N VAL A 760 -4.52 18.98 15.69
CA VAL A 760 -3.14 18.45 15.40
C VAL A 760 -3.18 16.91 15.31
N GLU A 761 -3.89 16.26 16.22
CA GLU A 761 -3.88 14.78 16.31
C GLU A 761 -4.54 14.17 15.07
N GLU A 762 -5.60 14.79 14.56
N GLU A 762 -5.60 14.79 14.57
CA GLU A 762 -6.30 14.37 13.32
CA GLU A 762 -6.29 14.36 13.31
C GLU A 762 -5.35 14.56 12.13
C GLU A 762 -5.33 14.55 12.14
N LEU A 763 -4.60 15.67 12.11
CA LEU A 763 -3.57 15.93 11.07
C LEU A 763 -2.58 14.77 11.10
N MET A 764 -2.16 14.39 12.30
CA MET A 764 -1.14 13.33 12.50
C MET A 764 -1.71 11.99 12.01
N LYS A 765 -2.92 11.65 12.40
CA LYS A 765 -3.54 10.35 12.07
C LYS A 765 -3.66 10.22 10.54
N MET A 766 -3.93 11.32 9.87
CA MET A 766 -4.05 11.39 8.38
C MET A 766 -2.68 11.11 7.75
N HIS A 767 -1.58 11.40 8.45
CA HIS A 767 -0.21 11.21 7.93
C HIS A 767 0.49 10.09 8.71
N THR A 768 -0.31 9.15 9.22
CA THR A 768 0.22 7.84 9.68
C THR A 768 1.08 7.26 8.56
N ALA A 769 2.06 6.43 8.91
CA ALA A 769 3.00 5.84 7.94
C ALA A 769 3.55 4.51 8.46
N ARG A 770 4.11 3.73 7.55
CA ARG A 770 4.80 2.45 7.86
C ARG A 770 6.27 2.79 8.08
N VAL A 771 6.97 2.01 8.92
CA VAL A 771 8.44 2.19 9.07
C VAL A 771 9.09 2.07 7.70
N ARG A 772 8.64 1.16 6.83
CA ARG A 772 9.22 0.99 5.47
C ARG A 772 9.23 2.34 4.77
N ASP A 773 8.14 3.09 4.86
CA ASP A 773 7.94 4.38 4.15
C ASP A 773 9.09 5.32 4.54
N ILE A 774 9.34 5.40 5.84
CA ILE A 774 10.38 6.27 6.46
C ILE A 774 11.75 5.76 6.00
N GLU A 775 11.96 4.45 5.96
CA GLU A 775 13.27 3.86 5.58
C GLU A 775 13.57 4.22 4.13
N HIS A 776 12.59 4.14 3.22
CA HIS A 776 12.77 4.55 1.80
C HIS A 776 13.13 6.03 1.71
N LEU A 777 12.40 6.90 2.42
CA LEU A 777 12.62 8.37 2.44
C LEU A 777 13.93 8.76 3.16
N THR A 778 14.48 7.95 4.06
CA THR A 778 15.66 8.34 4.87
C THR A 778 16.90 7.52 4.53
N GLY A 779 16.74 6.36 3.90
CA GLY A 779 17.86 5.42 3.63
C GLY A 779 18.45 4.83 4.90
N LEU A 780 17.65 4.73 5.98
CA LEU A 780 18.04 4.17 7.30
C LEU A 780 17.34 2.82 7.48
N ASP A 781 17.94 1.90 8.24
CA ASP A 781 17.36 0.58 8.54
C ASP A 781 17.20 0.43 10.05
N PHE A 782 15.97 0.39 10.54
CA PHE A 782 15.63 0.27 11.98
C PHE A 782 15.51 -1.21 12.39
N TYR A 783 15.26 -1.46 13.68
CA TYR A 783 15.06 -2.77 14.36
C TYR A 783 16.13 -3.79 13.96
N ARG A 784 17.40 -3.36 13.97
CA ARG A 784 18.57 -4.19 13.58
C ARG A 784 19.05 -5.04 14.75
N LYS A 785 18.65 -4.71 15.97
CA LYS A 785 19.09 -5.45 17.19
C LYS A 785 17.88 -5.66 18.11
N THR A 786 17.05 -6.66 17.79
CA THR A 786 15.90 -7.13 18.61
C THR A 786 16.19 -8.56 19.11
N SER A 787 15.22 -9.09 19.88
CA SER A 787 15.02 -10.53 20.21
C SER A 787 14.21 -11.28 19.14
N ARG A 788 13.70 -10.59 18.11
CA ARG A 788 12.67 -11.14 17.19
C ARG A 788 13.33 -11.60 15.89
N SER A 789 12.76 -12.61 15.22
CA SER A 789 13.28 -13.09 13.90
C SER A 789 13.16 -11.95 12.89
N TYR A 790 13.98 -11.93 11.83
CA TYR A 790 13.99 -10.82 10.85
C TYR A 790 12.67 -10.81 10.07
N SER A 791 12.05 -11.98 9.90
CA SER A 791 10.72 -12.09 9.26
C SER A 791 9.71 -11.31 10.11
N GLU A 792 9.60 -11.57 11.42
CA GLU A 792 8.66 -10.83 12.30
C GLU A 792 8.91 -9.31 12.20
N ILE A 793 10.17 -8.86 12.14
CA ILE A 793 10.56 -7.43 12.05
C ILE A 793 10.09 -6.84 10.71
N LEU A 794 10.26 -7.56 9.60
CA LEU A 794 9.76 -7.08 8.28
C LEU A 794 8.23 -6.84 8.33
N THR A 795 7.48 -7.66 9.07
CA THR A 795 6.02 -7.46 9.27
C THR A 795 5.81 -6.16 10.06
N LEU A 796 6.53 -5.97 11.18
CA LEU A 796 6.43 -4.77 12.05
C LEU A 796 6.62 -3.50 11.20
N LYS A 797 7.54 -3.54 10.23
CA LYS A 797 7.97 -2.35 9.44
C LYS A 797 6.99 -2.05 8.31
N THR A 798 6.16 -3.03 7.93
CA THR A 798 5.09 -2.85 6.91
C THR A 798 3.79 -2.52 7.60
N TYR A 799 3.69 -2.69 8.92
CA TYR A 799 2.47 -2.36 9.70
C TYR A 799 2.19 -0.84 9.58
N LEU A 800 0.91 -0.52 9.40
CA LEU A 800 0.35 0.83 9.27
C LEU A 800 -0.78 0.94 10.29
N HIS A 801 -0.67 1.86 11.23
CA HIS A 801 -1.73 2.15 12.24
C HIS A 801 -2.71 3.12 11.59
N THR A 802 -3.99 2.78 11.56
CA THR A 802 -4.98 3.45 10.68
C THR A 802 -5.96 4.28 11.50
N TYR A 803 -6.17 3.92 12.77
CA TYR A 803 -7.04 4.72 13.67
C TYR A 803 -8.46 4.69 13.12
N GLU A 804 -8.79 3.60 12.40
CA GLU A 804 -10.10 3.38 11.73
C GLU A 804 -10.98 2.47 12.61
N SER A 805 -12.12 2.02 12.07
C1 NAG B . 8.63 0.98 -5.96
C2 NAG B . 9.61 2.04 -5.47
C3 NAG B . 10.16 2.79 -6.66
C4 NAG B . 10.82 1.79 -7.63
C5 NAG B . 9.91 0.62 -7.95
C6 NAG B . 10.67 -0.46 -8.70
C7 NAG B . 9.50 3.17 -3.31
C8 NAG B . 8.58 4.03 -2.47
N2 NAG B . 9.04 2.98 -4.53
O3 NAG B . 11.10 3.76 -6.20
O4 NAG B . 11.09 2.42 -8.86
O5 NAG B . 9.38 0.08 -6.76
O6 NAG B . 11.72 -1.03 -7.94
O7 NAG B . 10.55 2.69 -2.89
H1 NAG B . 7.96 1.43 -6.53
H2 NAG B . 10.38 1.58 -5.03
H3 NAG B . 9.40 3.23 -7.11
H4 NAG B . 11.65 1.46 -7.21
H5 NAG B . 9.17 0.95 -8.52
H61 NAG B . 11.05 -0.09 -9.54
H62 NAG B . 10.05 -1.18 -8.95
H81 NAG B . 7.71 3.61 -2.39
H82 NAG B . 8.98 4.15 -1.58
H83 NAG B . 8.48 4.91 -2.91
HN2 NAG B . 8.28 3.40 -4.78
HO3 NAG B . 11.45 4.16 -6.80
HO4 NAG B . 10.72 3.20 -8.84
HO6 NAG B . 12.13 -1.61 -8.40
C1 NAG B . 11.94 2.45 -9.87
C2 NAG B . 11.96 2.58 -11.36
C3 NAG B . 13.36 2.73 -11.91
C4 NAG B . 14.15 3.76 -11.12
C5 NAG B . 14.11 3.41 -9.65
C6 NAG B . 14.88 4.41 -8.79
C7 NAG B . 9.99 1.15 -11.67
C8 NAG B . 9.01 2.24 -11.35
N2 NAG B . 11.30 1.38 -11.77
O3 NAG B . 13.29 3.11 -13.29
O4 NAG B . 15.50 3.68 -11.53
O5 NAG B . 12.76 3.36 -9.19
O6 NAG B . 14.16 5.63 -8.79
O7 NAG B . 9.57 0.02 -11.86
H1 NAG B . 11.02 2.84 -9.74
H2 NAG B . 11.42 3.37 -11.63
H3 NAG B . 13.82 1.85 -11.84
H4 NAG B . 13.77 4.66 -11.27
H5 NAG B . 14.52 2.52 -9.53
H61 NAG B . 15.81 4.53 -9.12
H62 NAG B . 14.93 4.07 -7.86
H81 NAG B . 9.10 2.94 -12.03
H82 NAG B . 8.10 1.86 -11.38
H83 NAG B . 9.18 2.61 -10.44
HN2 NAG B . 11.84 0.70 -12.01
HO3 NAG B . 13.99 3.20 -13.61
HO4 NAG B . 15.77 2.90 -11.40
HO6 NAG B . 14.61 6.24 -8.44
C1 BMA B . 16.12 4.59 -12.28
C2 BMA B . 17.47 5.20 -12.50
C3 BMA B . 17.64 5.92 -13.80
C4 BMA B . 17.37 4.86 -14.86
C5 BMA B . 15.94 4.29 -14.69
C6 BMA B . 15.60 3.24 -15.77
O2 BMA B . 18.38 4.09 -12.48
O3 BMA B . 19.00 6.42 -13.79
O4 BMA B . 17.65 5.33 -16.18
O5 BMA B . 15.84 3.72 -13.38
O6 BMA B . 14.22 3.27 -16.23
H1 BMA B . 16.38 4.03 -11.49
H2 BMA B . 17.65 5.81 -11.74
H3 BMA B . 16.98 6.65 -13.86
H4 BMA B . 17.98 4.10 -14.69
H5 BMA B . 15.30 5.04 -14.76
H61 BMA B . 15.81 2.34 -15.41
H62 BMA B . 16.19 3.38 -16.55
HO2 BMA B . 18.34 3.66 -11.74
HO3 BMA B . 19.49 5.92 -14.24
HO4 BMA B . 18.38 5.71 -16.21
HO6 BMA B . 13.87 3.89 -15.82
C1 MAN B . 13.66 2.40 -17.13
C2 MAN B . 12.17 2.68 -17.09
C3 MAN B . 11.55 2.09 -15.86
C4 MAN B . 11.89 0.61 -15.72
C5 MAN B . 13.39 0.50 -15.66
C6 MAN B . 13.88 -0.90 -15.31
O2 MAN B . 11.58 2.08 -18.25
O3 MAN B . 10.16 2.34 -16.01
O4 MAN B . 11.26 0.05 -14.56
O5 MAN B . 13.88 0.98 -16.92
O6 MAN B . 13.23 -1.94 -16.06
H1 MAN B . 13.77 2.52 -18.12
H2 MAN B . 12.03 3.66 -17.10
H3 MAN B . 11.89 2.57 -15.07
H4 MAN B . 11.57 0.13 -16.52
H5 MAN B . 13.71 1.11 -14.94
H61 MAN B . 13.74 -1.07 -14.33
H62 MAN B . 14.85 -0.95 -15.47
HO2 MAN B . 12.07 2.33 -19.02
HO3 MAN B . 9.82 1.76 -16.52
HO4 MAN B . 10.40 0.17 -14.70
HO6 MAN B . 12.68 -1.57 -16.60
C1 MAN B . 9.24 3.19 -15.62
C2 MAN B . 7.89 3.02 -14.98
C3 MAN B . 6.82 2.72 -15.99
C4 MAN B . 6.88 3.72 -17.15
C5 MAN B . 8.32 3.87 -17.71
C6 MAN B . 8.45 4.96 -18.77
O2 MAN B . 7.62 4.27 -14.26
O3 MAN B . 5.58 2.76 -15.24
O4 MAN B . 5.94 3.31 -18.16
O5 MAN B . 9.25 4.17 -16.66
O6 MAN B . 8.97 4.35 -19.97
H1 MAN B . 9.63 3.60 -14.76
H2 MAN B . 7.94 2.28 -14.34
H3 MAN B . 6.97 1.80 -16.34
H4 MAN B . 6.61 4.60 -16.82
H5 MAN B . 8.57 3.00 -18.13
H61 MAN B . 9.08 5.66 -18.47
H62 MAN B . 7.57 5.37 -18.94
HO2 MAN B . 7.28 4.83 -14.79
HO3 MAN B . 5.61 2.21 -14.66
HO4 MAN B . 5.20 3.29 -17.81
HO6 MAN B . 9.05 3.55 -19.89
C1 MAN B . 7.87 5.09 -13.24
C2 MAN B . 7.04 6.33 -12.92
C3 MAN B . 7.66 7.63 -13.43
C4 MAN B . 9.17 7.65 -13.20
C5 MAN B . 9.79 6.36 -13.70
C6 MAN B . 11.31 6.30 -13.55
O2 MAN B . 6.85 6.28 -11.51
O3 MAN B . 7.02 8.73 -12.76
O4 MAN B . 9.72 8.75 -13.90
O5 MAN B . 9.27 5.28 -12.92
O6 MAN B . 11.74 5.04 -14.11
H1 MAN B . 7.44 4.34 -12.59
H2 MAN B . 6.16 6.23 -13.35
H3 MAN B . 7.49 7.69 -14.40
H4 MAN B . 9.36 7.75 -12.23
H5 MAN B . 9.58 6.24 -14.65
H61 MAN B . 11.55 6.35 -12.61
H62 MAN B . 11.72 7.07 -14.04
HO2 MAN B . 6.53 5.54 -11.27
HO3 MAN B . 6.15 8.67 -12.95
HO4 MAN B . 9.34 9.50 -13.63
HO6 MAN B . 11.10 4.70 -14.52
C1 MAN B . 13.40 -3.28 -16.18
C2 MAN B . 13.07 -4.26 -17.35
C3 MAN B . 11.59 -4.45 -17.55
C4 MAN B . 10.81 -4.49 -16.24
C5 MAN B . 11.12 -3.30 -15.37
C6 MAN B . 10.23 -3.24 -14.14
O2 MAN B . 13.73 -5.54 -17.13
O3 MAN B . 11.35 -5.70 -18.23
O4 MAN B . 9.40 -4.44 -16.50
O5 MAN B . 12.50 -3.39 -15.03
O6 MAN B . 10.36 -4.40 -13.33
H1 MAN B . 14.24 -3.74 -15.85
H2 MAN B . 13.46 -3.86 -18.17
H3 MAN B . 11.24 -3.70 -18.10
H4 MAN B . 11.04 -5.32 -15.75
H5 MAN B . 10.95 -2.48 -15.90
H61 MAN B . 9.28 -3.16 -14.41
H62 MAN B . 10.46 -2.44 -13.60
HO2 MAN B . 14.58 -5.41 -17.02
HO3 MAN B . 11.81 -5.67 -19.02
HO4 MAN B . 9.20 -5.08 -17.05
HO6 MAN B . 10.96 -4.97 -13.73
C1 MAN C . 19.68 7.13 -13.41
C2 MAN C . 20.83 8.03 -13.94
C3 MAN C . 22.21 7.52 -13.58
C4 MAN C . 22.25 6.96 -12.17
C5 MAN C . 21.03 6.14 -11.81
C6 MAN C . 21.08 5.61 -10.39
O2 MAN C . 20.76 9.34 -13.35
O3 MAN C . 23.08 8.67 -13.65
O4 MAN C . 23.38 6.07 -12.08
O5 MAN C . 19.87 6.93 -11.99
O6 MAN C . 21.66 4.29 -10.47
H1 MAN C . 18.73 7.76 -13.52
H2 MAN C . 20.75 8.07 -14.92
H3 MAN C . 22.46 6.83 -14.23
H4 MAN C . 22.32 7.71 -11.54
H5 MAN C . 20.98 5.36 -12.42
H61 MAN C . 20.17 5.57 -10.01
H62 MAN C . 21.63 6.20 -9.82
HO2 MAN C . 19.99 9.71 -13.51
HO3 MAN C . 23.02 9.03 -14.41
HO4 MAN C . 24.07 6.57 -12.25
HO6 MAN C . 21.81 4.11 -11.24
ZN ZN D . -16.61 -0.57 -9.23
ZN ZN E . -12.75 -2.99 -9.08
CA CA F . 13.23 11.93 -3.36
I IOD G . -10.00 7.26 -11.65
I IOD H . -8.72 11.68 -18.24
I IOD I . 7.35 -29.11 -4.62
I IOD J . 7.53 -7.80 16.27
S SCN K . 12.08 27.20 19.55
C SCN K . 11.08 27.89 20.57
N SCN K . 10.35 28.46 21.29
S SCN L . -17.06 -8.94 -26.70
C SCN L . -15.59 -8.78 -27.21
N SCN L . -14.52 -8.66 -27.69
S SCN M . 1.01 -25.07 8.74
C SCN M . 2.51 -24.65 9.09
N SCN M . 3.60 -24.21 9.36
S SCN N . -5.14 -10.46 13.15
C SCN N . -4.37 -11.90 13.25
N SCN N . -3.65 -12.83 13.32
S SCN O . -14.56 -11.64 -33.51
C SCN O . -13.86 -11.05 -34.81
N SCN O . -13.30 -10.62 -35.77
NA NA P . 12.90 33.11 11.93
NA NA Q . -5.68 26.99 8.56
C1 GOL R . 19.14 -13.18 8.94
O1 GOL R . 17.94 -13.70 9.50
C2 GOL R . 19.26 -11.68 9.10
O2 GOL R . 20.31 -11.18 8.28
C3 GOL R . 19.52 -11.26 10.54
O3 GOL R . 18.37 -10.66 11.14
H11 GOL R . 19.17 -13.40 7.98
H12 GOL R . 19.92 -13.62 9.38
HO1 GOL R . 17.87 -14.50 9.41
H2 GOL R . 18.41 -11.27 8.81
HO2 GOL R . 20.85 -10.77 8.72
H31 GOL R . 20.26 -10.61 10.56
H32 GOL R . 19.78 -12.05 11.06
HO3 GOL R . 17.85 -10.37 10.50
C1 GOL S . -12.11 -32.34 -16.94
O1 GOL S . -12.79 -33.46 -17.48
C2 GOL S . -13.09 -31.25 -16.53
O2 GOL S . -12.86 -30.07 -17.30
C3 GOL S . -13.03 -30.95 -15.04
O3 GOL S . -14.29 -30.54 -14.53
H11 GOL S . -11.49 -31.98 -17.60
H12 GOL S . -11.60 -32.63 -16.15
HO1 GOL S . -12.11 -34.02 -17.76
H2 GOL S . -14.00 -31.58 -16.72
HO2 GOL S . -12.82 -29.47 -16.80
H31 GOL S . -12.38 -30.22 -14.89
H32 GOL S . -12.72 -31.75 -14.55
HO3 GOL S . -14.88 -30.62 -15.12
C1 GOL T . -2.47 1.64 31.88
O1 GOL T . -3.78 1.30 31.44
C2 GOL T . -1.41 1.07 30.94
O2 GOL T . -0.30 1.97 30.88
C3 GOL T . -0.91 -0.30 31.34
O3 GOL T . -0.10 -0.26 32.51
H11 GOL T . -2.33 1.26 32.79
H12 GOL T . -2.37 2.61 31.93
HO1 GOL T . -4.33 1.65 32.01
H2 GOL T . -1.80 1.00 30.05
HO2 GOL T . 0.39 1.57 31.03
H31 GOL T . -0.39 -0.69 30.60
H32 GOL T . -1.69 -0.89 31.51
HO3 GOL T . -0.70 0.09 33.24
S SCN U . -13.25 9.79 4.51
C SCN U . -12.04 10.50 3.74
N SCN U . -11.09 11.12 3.37
C8 I8K V . -13.79 -4.82 -16.30
C9 I8K V . -14.44 -3.03 -14.78
C10 I8K V . -13.84 -1.77 -14.76
C11 I8K V . -13.62 -1.14 -13.56
C12 I8K V . -13.99 -1.72 -12.35
C13 I8K V . -14.55 -2.99 -12.40
N1 I8K V . -12.61 -5.70 -18.89
C6 I8K V . -12.45 -4.33 -18.37
C3 I8K V . -9.59 -6.38 -20.75
C5 I8K V . -12.00 -6.21 -19.99
C4 I8K V . -10.82 -5.50 -20.60
C2 I8K V . -8.24 -5.65 -20.68
C15 I8K V . -14.50 -5.68 -17.32
C16 I8K V . -13.49 -6.53 -18.07
C17 I8K V . -7.10 -6.53 -21.24
C18 I8K V . -7.46 -7.28 -22.55
C19 I8K V . -6.13 -7.57 -23.27
C22 I8K V . -2.98 -7.77 -23.72
C26 I8K V . 0.92 -7.09 -21.24
C29 I8K V . -1.38 -5.52 -22.45
C30 I8K V . -1.60 -4.35 -23.45
C31 I8K V . -2.73 -6.04 -21.86
C32 I8K V . -3.46 -5.02 -20.97
C33 I8K V . -4.82 -5.49 -20.45
C34 I8K V . -5.75 -5.85 -21.61
C1 I8K V . -7.97 -5.16 -19.26
O1 I8K V . -12.39 -7.28 -20.48
C7 I8K V . -12.47 -4.34 -16.85
O2 I8K V . -14.65 -3.67 -15.97
B1 I8K V . -13.70 -1.07 -10.85
O3 I8K V . -13.28 0.38 -10.87
O4 I8K V . -14.91 -1.37 -10.03
C14 I8K V . -14.78 -3.64 -13.59
C20 I8K V . -5.05 -7.00 -22.35
C21 I8K V . -3.67 -6.61 -22.96
O5 I8K V . -3.77 -8.17 -24.87
C23 I8K V . -1.59 -7.37 -24.22
C24 I8K V . -0.66 -6.70 -23.19
C25 I8K V . -0.02 -7.73 -22.24
O6 I8K V . 1.48 -8.09 -20.37
C27 I8K V . 0.16 -6.07 -20.42
C28 I8K V . -0.43 -4.99 -21.33
C35 I8K V . -6.03 -4.63 -22.50
H13 I8K V . -13.63 -5.37 -15.48
H14 I8K V . -13.60 -1.35 -15.58
H15 I8K V . -13.21 -0.27 -13.55
H19 I8K V . -14.79 -3.42 -11.58
H10 I8K V . -13.18 -3.77 -18.70
H9 I8K V . -11.60 -3.95 -18.68
H6 I8K V . -9.65 -6.85 -21.61
H5 I8K V . -9.59 -7.07 -20.04
H8 I8K V . -10.58 -4.73 -20.04
H7 I8K V . -11.06 -5.14 -21.47
H4 I8K V . -8.32 -4.85 -21.27
H22 I8K V . -15.14 -6.25 -16.87
H21 I8K V . -14.99 -5.11 -17.96
H24 I8K V . -13.98 -7.16 -18.64
H23 I8K V . -12.96 -7.04 -17.43
H25 I8K V . -6.90 -7.21 -20.55
H26 I8K V . -7.93 -8.12 -22.34
H27 I8K V . -8.04 -6.73 -23.10
H28 I8K V . -6.12 -7.14 -24.15
H29 I8K V . -6.01 -8.53 -23.40
H32 I8K V . -2.90 -8.52 -23.13
H39 I8K V . 1.63 -6.64 -21.72
H45 I8K V . -2.55 -4.17 -23.52
H46 I8K V . -1.25 -4.61 -24.33
H47 I8K V . -1.13 -3.56 -23.13
H48 I8K V . -2.51 -6.79 -21.28
H50 I8K V . -2.88 -4.81 -20.20
H49 I8K V . -3.58 -4.18 -21.47
H52 I8K V . -4.70 -6.27 -19.87
H51 I8K V . -5.23 -4.78 -19.93
H2 I8K V . -7.89 -5.92 -18.66
H3 I8K V . -8.69 -4.57 -18.97
H1 I8K V . -7.13 -4.65 -19.25
H11 I8K V . -12.29 -3.43 -16.53
H12 I8K V . -11.74 -4.92 -16.52
H17 I8K V . -13.28 0.70 -11.65
H18 I8K V . -14.84 -2.13 -9.66
H20 I8K V . -15.19 -4.51 -13.60
H30 I8K V . -4.86 -7.70 -21.68
H31 I8K V . -3.82 -5.90 -23.60
H33 I8K V . -3.36 -8.18 -25.56
H34 I8K V . -1.69 -6.77 -24.97
H35 I8K V . -1.15 -8.17 -24.54
H36 I8K V . 0.06 -6.30 -23.68
H38 I8K V . 0.47 -8.37 -22.77
H37 I8K V . -0.71 -8.20 -21.77
H40 I8K V . 1.28 -7.91 -19.56
H41 I8K V . 0.77 -5.65 -19.79
H42 I8K V . -0.54 -6.51 -19.93
H44 I8K V . -0.91 -4.36 -20.79
H43 I8K V . 0.30 -4.51 -21.75
H53 I8K V . -6.98 -4.57 -22.69
H54 I8K V . -5.55 -4.72 -23.34
H55 I8K V . -5.74 -3.82 -22.05
H16 I8K V . -12.92 -1.64 -10.46
S SCN W . -3.67 -11.18 -35.38
C SCN W . -4.19 -11.54 -36.85
N SCN W . -4.51 -11.76 -38.05
C1 GOL X . -5.86 -6.34 -16.12
O1 GOL X . -5.39 -6.59 -17.43
C2 GOL X . -5.47 -7.45 -15.18
O2 GOL X . -4.63 -6.91 -14.15
C3 GOL X . -6.66 -8.16 -14.56
O3 GOL X . -6.37 -9.52 -14.23
H11 GOL X . -6.84 -6.24 -16.13
H12 GOL X . -5.47 -5.48 -15.78
HO1 GOL X . -5.71 -5.92 -17.90
H2 GOL X . -4.94 -8.11 -15.69
HO2 GOL X . -4.91 -7.14 -13.40
H31 GOL X . -7.42 -8.14 -15.18
H32 GOL X . -6.93 -7.69 -13.74
HO3 GOL X . -5.56 -9.70 -14.40
S SCN Y . -2.46 -11.90 -21.71
C SCN Y . -3.76 -11.22 -21.08
N SCN Y . -4.57 -10.61 -20.48
#